data_3IC8
#
_entry.id   3IC8
#
_cell.length_a   84.671
_cell.length_b   102.266
_cell.length_c   148.336
_cell.angle_alpha   90.000
_cell.angle_beta   90.000
_cell.angle_gamma   90.000
#
_symmetry.space_group_name_H-M   'P 21 21 21'
#
loop_
_entity.id
_entity.type
_entity.pdbx_description
1 polymer 'uncharacterized GST-like proteinprotein'
2 water water
#
_entity_poly.entity_id   1
_entity_poly.type   'polypeptide(L)'
_entity_poly.pdbx_seq_one_letter_code
;(MSE)SELILHHYPTSLFAEKARL(MSE)LGFKGVNWRSVTIPSI(MSE)PKPDLTALTGGYRKTPVLQIGADIYCDTAL
(MSE)ARRLEQEKASPAFYPQGQEFAVAGLAAWADSVLFLHAVSLVFQPES(MSE)AVRFAKVPPDAAKAFIADRS
(MSE)LFNGGTASRPPVEQVKHQWPTF(MSE)SRLESQLSHGGDFLFGAPSIADFSVAHTLWFLKQTPVTAPFVDDYPSV
SVWLDRVLGFGHGSLSDLSSAAAIEIASNATPAPLPDETFIDPNGFKAGDKVAIAAVDYGVEAVEGEL(MSE)FTGREEL
ILRREDNRAGVVHVHFPRLGFRVEKR
;
_entity_poly.pdbx_strand_id   A,B,C,D
#
# COMPACT_ATOMS: atom_id res chain seq x y z
N SER A 2 16.34 -7.31 -31.54
CA SER A 2 16.79 -6.31 -30.59
C SER A 2 15.98 -6.29 -29.29
N GLU A 3 14.72 -6.67 -29.37
CA GLU A 3 13.84 -6.70 -28.23
C GLU A 3 14.16 -7.85 -27.31
N LEU A 4 13.87 -7.70 -26.04
CA LEU A 4 13.94 -8.83 -25.15
C LEU A 4 12.71 -9.64 -25.37
N ILE A 5 12.87 -10.94 -25.54
CA ILE A 5 11.73 -11.79 -25.72
C ILE A 5 11.70 -12.88 -24.68
N LEU A 6 10.60 -12.98 -23.97
CA LEU A 6 10.45 -14.06 -23.04
C LEU A 6 9.44 -15.09 -23.53
N HIS A 7 9.87 -16.34 -23.58
CA HIS A 7 9.02 -17.44 -23.91
C HIS A 7 8.64 -18.12 -22.62
N HIS A 8 7.37 -18.09 -22.26
CA HIS A 8 6.94 -18.61 -21.00
C HIS A 8 5.50 -19.01 -20.96
N TYR A 9 5.11 -19.66 -19.88
CA TYR A 9 3.73 -19.95 -19.72
C TYR A 9 3.26 -19.02 -18.66
N PRO A 10 2.36 -18.15 -19.05
CA PRO A 10 1.98 -16.98 -18.29
C PRO A 10 1.33 -17.24 -16.94
N THR A 11 0.59 -18.32 -16.81
CA THR A 11 -0.06 -18.61 -15.58
C THR A 11 0.74 -19.53 -14.69
N SER A 12 1.92 -19.90 -15.11
CA SER A 12 2.73 -20.81 -14.34
C SER A 12 3.43 -20.12 -13.20
N LEU A 13 3.26 -20.67 -12.03
CA LEU A 13 3.91 -20.24 -10.82
C LEU A 13 5.38 -20.41 -10.95
N PHE A 14 5.77 -21.40 -11.72
CA PHE A 14 7.16 -21.72 -11.95
C PHE A 14 7.92 -20.67 -12.73
N ALA A 15 7.21 -19.89 -13.52
CA ALA A 15 7.77 -18.87 -14.35
C ALA A 15 7.72 -17.48 -13.75
N GLU A 16 7.28 -17.37 -12.52
CA GLU A 16 7.18 -16.09 -11.85
C GLU A 16 8.49 -15.39 -11.59
N LYS A 17 9.53 -16.13 -11.25
CA LYS A 17 10.77 -15.51 -10.92
C LYS A 17 11.28 -14.73 -12.10
N ALA A 18 11.22 -15.26 -13.30
CA ALA A 18 11.71 -14.57 -14.47
C ALA A 18 10.98 -13.30 -14.79
N ARG A 19 9.69 -13.29 -14.56
CA ARG A 19 8.86 -12.14 -14.73
C ARG A 19 9.22 -11.01 -13.77
N LEU A 20 9.50 -11.37 -12.53
CA LEU A 20 9.95 -10.43 -11.53
C LEU A 20 11.28 -9.88 -11.91
N LEU A 22 12.34 -9.37 -14.85
CA LEU A 22 12.06 -8.33 -15.81
C LEU A 22 11.54 -7.08 -15.16
N GLY A 23 10.77 -7.21 -14.12
CA GLY A 23 10.30 -6.07 -13.38
C GLY A 23 11.34 -5.25 -12.66
N PHE A 24 12.28 -5.92 -12.04
CA PHE A 24 13.34 -5.30 -11.31
C PHE A 24 14.21 -4.49 -12.25
N LYS A 25 14.46 -5.03 -13.41
CA LYS A 25 15.18 -4.35 -14.45
C LYS A 25 14.47 -3.17 -15.14
N GLY A 26 13.16 -3.07 -15.03
CA GLY A 26 12.41 -2.03 -15.70
C GLY A 26 12.51 -1.97 -17.20
N VAL A 27 12.48 -3.11 -17.84
CA VAL A 27 12.73 -3.25 -19.23
C VAL A 27 11.42 -3.57 -19.89
N ASN A 28 11.34 -3.31 -21.17
CA ASN A 28 10.18 -3.63 -21.92
C ASN A 28 10.46 -4.89 -22.66
N TRP A 29 9.54 -5.83 -22.65
CA TRP A 29 9.78 -7.12 -23.22
C TRP A 29 8.60 -7.66 -23.98
N ARG A 30 8.85 -8.61 -24.85
CA ARG A 30 7.81 -9.23 -25.59
C ARG A 30 7.45 -10.54 -24.93
N SER A 31 6.17 -10.84 -24.86
CA SER A 31 5.75 -12.07 -24.25
C SER A 31 5.30 -13.09 -25.25
N VAL A 32 5.94 -14.23 -25.28
CA VAL A 32 5.53 -15.28 -26.16
C VAL A 32 4.93 -16.34 -25.30
N THR A 33 3.68 -16.68 -25.55
CA THR A 33 3.04 -17.71 -24.76
C THR A 33 3.24 -19.07 -25.38
N ILE A 34 3.97 -19.91 -24.70
CA ILE A 34 4.24 -21.24 -25.14
C ILE A 34 3.12 -22.18 -24.82
N PRO A 35 3.16 -23.36 -25.40
CA PRO A 35 2.22 -24.42 -25.08
C PRO A 35 2.62 -25.23 -23.85
N SER A 36 1.66 -25.64 -23.04
CA SER A 36 1.89 -26.67 -22.05
C SER A 36 2.14 -28.02 -22.69
N ILE A 37 1.41 -28.27 -23.76
CA ILE A 37 1.37 -29.52 -24.48
C ILE A 37 2.61 -29.80 -25.28
N PRO A 39 4.60 -31.50 -28.56
CA PRO A 39 5.93 -31.06 -28.26
C PRO A 39 5.82 -29.57 -28.44
N LYS A 40 6.91 -28.84 -28.41
CA LYS A 40 6.77 -27.41 -28.55
C LYS A 40 7.66 -26.96 -29.67
N PRO A 41 7.17 -27.15 -30.87
CA PRO A 41 7.94 -26.99 -32.10
C PRO A 41 8.46 -25.60 -32.38
N ASP A 42 7.67 -24.57 -32.17
CA ASP A 42 8.17 -23.24 -32.28
C ASP A 42 9.25 -22.95 -31.26
N LEU A 43 9.12 -23.49 -30.06
CA LEU A 43 10.17 -23.36 -29.10
C LEU A 43 11.47 -24.07 -29.44
N THR A 44 11.39 -25.33 -29.79
CA THR A 44 12.57 -26.10 -30.18
C THR A 44 13.18 -25.67 -31.48
N ALA A 45 12.41 -24.92 -32.26
CA ALA A 45 12.93 -24.33 -33.44
C ALA A 45 14.03 -23.38 -33.11
N LEU A 46 13.90 -22.66 -32.01
CA LEU A 46 14.99 -21.88 -31.48
C LEU A 46 15.98 -22.60 -30.57
N THR A 47 15.52 -23.29 -29.57
CA THR A 47 16.38 -23.99 -28.63
C THR A 47 17.19 -25.16 -29.14
N GLY A 48 16.70 -25.88 -30.13
CA GLY A 48 17.30 -27.14 -30.45
C GLY A 48 16.77 -28.28 -29.62
N GLY A 49 15.65 -28.07 -28.97
CA GLY A 49 15.08 -29.06 -28.12
C GLY A 49 15.16 -28.94 -26.62
N TYR A 50 15.88 -27.96 -26.10
CA TYR A 50 15.79 -27.70 -24.69
C TYR A 50 14.40 -27.13 -24.49
N ARG A 51 13.67 -27.67 -23.53
CA ARG A 51 12.34 -27.21 -23.33
C ARG A 51 11.98 -26.70 -21.97
N LYS A 52 12.95 -26.38 -21.14
CA LYS A 52 12.61 -25.82 -19.87
C LYS A 52 12.58 -24.31 -19.99
N THR A 53 11.50 -23.72 -19.56
CA THR A 53 11.27 -22.33 -19.77
C THR A 53 11.03 -21.82 -18.40
N PRO A 54 11.13 -20.53 -18.17
CA PRO A 54 11.22 -19.53 -19.21
C PRO A 54 12.54 -19.43 -19.94
N VAL A 55 12.47 -18.95 -21.17
CA VAL A 55 13.61 -18.83 -22.03
C VAL A 55 13.71 -17.42 -22.59
N LEU A 56 14.91 -16.91 -22.69
CA LEU A 56 15.12 -15.56 -23.15
C LEU A 56 15.66 -15.45 -24.57
N GLN A 57 14.94 -14.75 -25.43
CA GLN A 57 15.40 -14.54 -26.79
C GLN A 57 15.71 -13.10 -27.06
N ILE A 58 16.91 -12.87 -27.57
CA ILE A 58 17.26 -11.61 -28.19
C ILE A 58 17.82 -11.88 -29.56
N GLY A 59 17.03 -11.60 -30.58
CA GLY A 59 17.40 -11.91 -31.94
C GLY A 59 17.58 -13.37 -32.23
N ALA A 60 18.78 -13.71 -32.64
CA ALA A 60 19.16 -15.06 -32.91
C ALA A 60 20.01 -15.62 -31.79
N ASP A 61 19.91 -15.01 -30.62
CA ASP A 61 20.55 -15.54 -29.43
C ASP A 61 19.50 -16.02 -28.46
N ILE A 62 19.63 -17.25 -28.04
CA ILE A 62 18.69 -17.88 -27.17
C ILE A 62 19.37 -18.21 -25.88
N TYR A 63 18.77 -17.79 -24.77
CA TYR A 63 19.36 -18.00 -23.46
C TYR A 63 18.52 -18.91 -22.62
N CYS A 64 19.14 -19.98 -22.15
CA CYS A 64 18.51 -21.06 -21.44
C CYS A 64 18.91 -21.03 -20.00
N ASP A 65 17.95 -21.17 -19.12
CA ASP A 65 18.22 -21.23 -17.71
C ASP A 65 18.12 -19.85 -17.13
N THR A 66 17.30 -19.71 -16.11
CA THR A 66 17.09 -18.40 -15.53
C THR A 66 18.33 -17.82 -14.91
N ALA A 67 19.20 -18.66 -14.42
CA ALA A 67 20.38 -18.15 -13.81
C ALA A 67 21.24 -17.39 -14.80
N LEU A 68 21.35 -17.93 -15.99
CA LEU A 68 22.01 -17.29 -17.09
C LEU A 68 21.32 -16.05 -17.57
N ALA A 70 19.72 -13.93 -15.93
CA ALA A 70 20.04 -12.82 -15.08
C ALA A 70 21.29 -12.13 -15.49
N ARG A 71 22.31 -12.88 -15.83
CA ARG A 71 23.52 -12.29 -16.32
C ARG A 71 23.44 -11.58 -17.65
N ARG A 72 22.65 -12.09 -18.57
CA ARG A 72 22.38 -11.43 -19.82
C ARG A 72 21.63 -10.16 -19.60
N LEU A 73 20.71 -10.16 -18.65
CA LEU A 73 19.99 -8.98 -18.29
C LEU A 73 20.88 -7.90 -17.72
N GLU A 74 21.81 -8.32 -16.89
CA GLU A 74 22.74 -7.46 -16.24
C GLU A 74 23.58 -6.76 -17.26
N GLN A 75 23.92 -7.47 -18.32
CA GLN A 75 24.59 -6.88 -19.45
C GLN A 75 23.71 -5.87 -20.18
N GLU A 76 22.45 -6.20 -20.43
CA GLU A 76 21.56 -5.25 -21.05
C GLU A 76 21.26 -4.01 -20.26
N LYS A 77 20.89 -4.13 -19.01
CA LYS A 77 20.75 -2.98 -18.16
C LYS A 77 21.49 -3.19 -16.84
N ALA A 78 22.58 -2.49 -16.65
CA ALA A 78 23.42 -2.73 -15.50
C ALA A 78 22.81 -2.45 -14.16
N SER A 79 22.04 -1.40 -14.06
CA SER A 79 21.48 -0.97 -12.80
C SER A 79 20.00 -0.85 -12.95
N PRO A 80 19.24 -1.23 -11.94
CA PRO A 80 19.75 -1.78 -10.70
C PRO A 80 20.32 -3.15 -10.88
N ALA A 81 21.25 -3.53 -10.05
CA ALA A 81 22.03 -4.72 -10.27
C ALA A 81 21.56 -5.94 -9.54
N PHE A 82 21.50 -7.02 -10.28
CA PHE A 82 21.34 -8.34 -9.74
C PHE A 82 22.52 -8.73 -8.89
N TYR A 83 23.71 -8.33 -9.25
CA TYR A 83 24.87 -8.67 -8.44
C TYR A 83 25.66 -7.48 -7.99
N PRO A 84 25.35 -6.97 -6.83
CA PRO A 84 25.94 -5.74 -6.34
C PRO A 84 27.43 -5.83 -6.13
N GLN A 85 28.16 -4.76 -6.44
CA GLN A 85 29.60 -4.81 -6.38
C GLN A 85 30.09 -5.11 -4.99
N GLY A 86 30.97 -6.06 -4.90
CA GLY A 86 31.57 -6.49 -3.66
C GLY A 86 30.82 -7.55 -2.93
N GLN A 87 29.68 -7.95 -3.47
CA GLN A 87 28.91 -9.00 -2.90
C GLN A 87 28.57 -10.08 -3.91
N GLU A 88 29.29 -10.16 -5.00
CA GLU A 88 28.93 -11.04 -6.09
C GLU A 88 28.90 -12.53 -5.85
N PHE A 89 29.95 -13.07 -5.24
CA PHE A 89 30.03 -14.46 -4.88
C PHE A 89 29.00 -14.86 -3.85
N ALA A 90 28.84 -14.04 -2.84
CA ALA A 90 27.91 -14.32 -1.80
C ALA A 90 26.46 -14.37 -2.26
N VAL A 91 26.10 -13.44 -3.12
CA VAL A 91 24.80 -13.41 -3.72
C VAL A 91 24.49 -14.57 -4.64
N ALA A 92 25.45 -14.93 -5.48
CA ALA A 92 25.23 -16.03 -6.35
C ALA A 92 25.04 -17.30 -5.59
N GLY A 93 25.83 -17.49 -4.54
CA GLY A 93 25.72 -18.66 -3.71
C GLY A 93 24.42 -18.74 -2.98
N LEU A 94 23.97 -17.66 -2.39
CA LEU A 94 22.71 -17.65 -1.71
C LEU A 94 21.53 -17.95 -2.64
N ALA A 95 21.56 -17.36 -3.82
CA ALA A 95 20.56 -17.61 -4.80
C ALA A 95 20.56 -19.06 -5.23
N ALA A 96 21.72 -19.62 -5.44
CA ALA A 96 21.81 -21.00 -5.82
C ALA A 96 21.25 -21.92 -4.77
N TRP A 97 21.52 -21.62 -3.50
CA TRP A 97 20.97 -22.36 -2.41
C TRP A 97 19.45 -22.25 -2.31
N ALA A 98 18.93 -21.07 -2.49
CA ALA A 98 17.51 -20.84 -2.45
C ALA A 98 16.81 -21.55 -3.56
N ASP A 99 17.44 -21.52 -4.72
CA ASP A 99 16.93 -22.11 -5.93
C ASP A 99 16.83 -23.59 -5.84
N SER A 100 17.67 -24.21 -5.05
CA SER A 100 17.59 -25.63 -4.84
C SER A 100 16.96 -26.07 -3.55
N VAL A 101 17.65 -25.90 -2.43
CA VAL A 101 17.15 -26.39 -1.16
C VAL A 101 15.86 -25.75 -0.71
N LEU A 102 15.82 -24.44 -0.74
CA LEU A 102 14.65 -23.72 -0.31
C LEU A 102 13.42 -23.92 -1.18
N PHE A 103 13.65 -23.93 -2.48
CA PHE A 103 12.63 -24.14 -3.47
C PHE A 103 12.01 -25.51 -3.33
N LEU A 104 12.84 -26.49 -3.06
CA LEU A 104 12.38 -27.82 -2.89
C LEU A 104 11.47 -27.98 -1.71
N HIS A 105 11.80 -27.38 -0.61
CA HIS A 105 10.93 -27.40 0.53
C HIS A 105 9.62 -26.72 0.25
N ALA A 106 9.66 -25.57 -0.39
CA ALA A 106 8.45 -24.83 -0.61
C ALA A 106 7.44 -25.55 -1.48
N VAL A 107 7.90 -26.19 -2.54
CA VAL A 107 7.05 -27.01 -3.39
C VAL A 107 6.51 -28.29 -2.80
N SER A 108 7.27 -28.92 -1.92
CA SER A 108 6.79 -30.08 -1.22
C SER A 108 5.64 -29.75 -0.32
N LEU A 109 5.73 -28.63 0.36
CA LEU A 109 4.71 -28.22 1.25
C LEU A 109 3.42 -27.91 0.58
N VAL A 110 3.47 -27.17 -0.49
CA VAL A 110 2.30 -26.81 -1.22
C VAL A 110 1.60 -27.91 -1.98
N PHE A 111 2.35 -28.68 -2.72
CA PHE A 111 1.77 -29.67 -3.59
C PHE A 111 1.56 -31.00 -2.91
N GLN A 112 0.76 -30.99 -1.88
CA GLN A 112 0.34 -32.17 -1.20
C GLN A 112 -1.12 -31.98 -0.88
N PRO A 113 -1.82 -33.07 -0.62
CA PRO A 113 -3.26 -33.12 -0.53
C PRO A 113 -3.80 -32.28 0.57
N GLU A 114 -2.99 -32.06 1.59
CA GLU A 114 -3.40 -31.29 2.73
C GLU A 114 -3.77 -29.87 2.39
N SER A 115 -3.32 -29.39 1.24
CA SER A 115 -3.53 -28.01 0.85
C SER A 115 -4.86 -27.71 0.21
N PRO A 148 10.68 -36.04 1.22
CA PRO A 148 9.91 -36.54 2.34
C PRO A 148 9.32 -35.39 3.07
N VAL A 149 8.01 -35.30 3.09
CA VAL A 149 7.34 -34.14 3.58
C VAL A 149 7.57 -33.88 5.01
N GLU A 150 7.64 -34.94 5.79
CA GLU A 150 7.80 -34.80 7.20
C GLU A 150 9.12 -34.15 7.50
N GLN A 151 10.14 -34.52 6.78
CA GLN A 151 11.43 -33.92 6.96
C GLN A 151 11.41 -32.47 6.60
N VAL A 152 10.74 -32.15 5.52
CA VAL A 152 10.66 -30.80 5.08
C VAL A 152 9.97 -29.96 6.12
N LYS A 153 8.91 -30.48 6.69
CA LYS A 153 8.14 -29.75 7.66
C LYS A 153 8.97 -29.46 8.87
N HIS A 154 9.76 -30.45 9.23
CA HIS A 154 10.69 -30.39 10.33
C HIS A 154 11.76 -29.37 10.13
N GLN A 155 12.28 -29.30 8.92
CA GLN A 155 13.28 -28.32 8.54
C GLN A 155 12.88 -26.87 8.35
N TRP A 156 11.65 -26.62 7.97
CA TRP A 156 11.25 -25.33 7.44
C TRP A 156 11.39 -24.17 8.39
N PRO A 157 11.09 -24.42 9.63
CA PRO A 157 11.14 -23.43 10.66
C PRO A 157 12.54 -22.91 10.92
N THR A 158 13.53 -23.75 10.70
CA THR A 158 14.88 -23.31 10.88
C THR A 158 15.18 -22.21 9.89
N PHE A 159 14.83 -22.40 8.63
CA PHE A 159 15.06 -21.37 7.63
C PHE A 159 14.28 -20.10 7.82
N SER A 161 12.85 -18.79 10.62
CA SER A 161 13.24 -18.08 11.81
C SER A 161 14.53 -17.31 11.62
N ARG A 162 15.43 -17.91 10.87
CA ARG A 162 16.67 -17.27 10.54
C ARG A 162 16.44 -16.04 9.70
N LEU A 163 15.58 -16.16 8.71
CA LEU A 163 15.23 -15.06 7.85
C LEU A 163 14.52 -13.97 8.60
N GLU A 164 13.65 -14.36 9.52
CA GLU A 164 12.97 -13.45 10.42
C GLU A 164 13.92 -12.73 11.34
N SER A 165 14.92 -13.42 11.86
CA SER A 165 15.94 -12.78 12.64
C SER A 165 16.74 -11.73 11.90
N GLN A 166 17.13 -11.97 10.67
CA GLN A 166 17.80 -10.98 9.88
C GLN A 166 16.97 -9.73 9.51
N LEU A 167 15.73 -9.95 9.14
CA LEU A 167 14.83 -8.88 8.72
C LEU A 167 14.35 -7.96 9.82
N SER A 168 14.32 -8.48 11.02
CA SER A 168 13.78 -7.78 12.15
C SER A 168 14.63 -6.57 12.40
N HIS A 169 15.80 -6.55 11.80
CA HIS A 169 16.70 -5.43 11.91
C HIS A 169 16.37 -4.27 11.00
N GLY A 170 15.37 -4.41 10.17
CA GLY A 170 15.00 -3.32 9.32
C GLY A 170 15.73 -3.10 8.03
N GLY A 171 16.56 -4.05 7.61
CA GLY A 171 17.20 -3.98 6.32
C GLY A 171 16.18 -4.19 5.23
N ASP A 172 16.26 -3.43 4.17
CA ASP A 172 15.28 -3.55 3.12
C ASP A 172 15.29 -4.89 2.39
N PHE A 173 16.48 -5.37 2.12
CA PHE A 173 16.70 -6.54 1.31
C PHE A 173 17.76 -7.43 1.93
N LEU A 174 17.96 -8.59 1.35
CA LEU A 174 18.82 -9.60 1.93
C LEU A 174 20.28 -9.19 2.02
N PHE A 175 20.75 -8.46 1.04
CA PHE A 175 22.10 -8.01 1.02
C PHE A 175 22.21 -6.52 1.13
N GLY A 176 21.28 -5.87 1.80
CA GLY A 176 21.32 -4.43 1.82
C GLY A 176 20.54 -3.92 0.65
N ALA A 177 21.22 -3.76 -0.45
CA ALA A 177 20.61 -3.52 -1.72
C ALA A 177 19.99 -4.79 -2.23
N PRO A 178 19.04 -4.65 -3.12
CA PRO A 178 18.38 -5.78 -3.73
C PRO A 178 19.31 -6.56 -4.64
N SER A 179 18.99 -7.81 -4.82
CA SER A 179 19.82 -8.70 -5.57
C SER A 179 19.00 -9.81 -6.17
N ILE A 180 19.62 -10.62 -7.01
CA ILE A 180 18.99 -11.74 -7.63
C ILE A 180 18.58 -12.71 -6.54
N ALA A 181 19.28 -12.65 -5.43
CA ALA A 181 18.96 -13.47 -4.28
C ALA A 181 17.60 -13.18 -3.67
N ASP A 182 17.18 -11.93 -3.65
CA ASP A 182 15.88 -11.62 -3.11
C ASP A 182 14.82 -12.33 -3.90
N PHE A 183 14.98 -12.31 -5.21
CA PHE A 183 14.07 -13.01 -6.08
C PHE A 183 14.06 -14.52 -5.96
N SER A 184 15.22 -15.08 -5.82
CA SER A 184 15.29 -16.49 -5.65
C SER A 184 14.58 -16.89 -4.39
N VAL A 185 14.84 -16.20 -3.31
CA VAL A 185 14.13 -16.48 -2.09
C VAL A 185 12.65 -16.16 -2.17
N ALA A 186 12.31 -15.06 -2.78
CA ALA A 186 10.94 -14.65 -2.91
C ALA A 186 10.13 -15.62 -3.75
N HIS A 187 10.74 -16.20 -4.75
CA HIS A 187 10.03 -17.10 -5.61
C HIS A 187 9.53 -18.28 -4.83
N THR A 188 10.32 -18.81 -3.91
CA THR A 188 9.88 -19.96 -3.14
C THR A 188 8.67 -19.65 -2.28
N LEU A 189 8.67 -18.50 -1.67
CA LEU A 189 7.59 -18.05 -0.82
C LEU A 189 6.29 -17.81 -1.55
N TRP A 190 6.41 -17.48 -2.81
CA TRP A 190 5.30 -17.18 -3.66
C TRP A 190 4.42 -18.41 -3.79
N PHE A 191 5.02 -19.57 -3.81
CA PHE A 191 4.27 -20.80 -3.84
C PHE A 191 3.43 -20.97 -2.59
N LEU A 192 3.98 -20.67 -1.43
CA LEU A 192 3.26 -20.79 -0.19
C LEU A 192 2.07 -19.87 -0.06
N LYS A 193 2.19 -18.68 -0.59
CA LYS A 193 1.17 -17.67 -0.55
C LYS A 193 -0.10 -18.02 -1.30
N GLN A 194 -0.01 -18.99 -2.17
CA GLN A 194 -1.09 -19.45 -3.01
C GLN A 194 -2.27 -20.09 -2.30
N THR A 195 -2.02 -20.59 -1.11
CA THR A 195 -2.96 -21.40 -0.40
C THR A 195 -3.13 -20.95 1.03
N PRO A 196 -4.35 -21.04 1.52
CA PRO A 196 -4.66 -20.67 2.88
C PRO A 196 -3.95 -21.53 3.86
N VAL A 197 -3.85 -22.81 3.56
CA VAL A 197 -3.15 -23.75 4.38
C VAL A 197 -1.65 -23.53 4.48
N THR A 198 -1.02 -23.19 3.36
CA THR A 198 0.41 -22.94 3.30
C THR A 198 0.90 -21.54 3.60
N ALA A 199 0.01 -20.57 3.63
CA ALA A 199 0.36 -19.18 3.88
C ALA A 199 0.99 -18.88 5.24
N PRO A 200 0.61 -19.61 6.26
CA PRO A 200 1.18 -19.44 7.58
C PRO A 200 2.66 -19.78 7.61
N PHE A 201 3.10 -20.57 6.67
CA PHE A 201 4.51 -20.86 6.57
C PHE A 201 5.30 -19.60 6.29
N VAL A 202 4.70 -18.65 5.60
CA VAL A 202 5.23 -17.31 5.52
C VAL A 202 4.69 -16.32 6.54
N ASP A 203 3.38 -16.25 6.71
CA ASP A 203 2.75 -15.18 7.46
C ASP A 203 3.08 -15.16 8.96
N ASP A 204 3.53 -16.30 9.48
CA ASP A 204 3.94 -16.47 10.84
C ASP A 204 5.19 -15.71 11.18
N TYR A 205 5.92 -15.27 10.19
CA TYR A 205 7.06 -14.45 10.42
C TYR A 205 6.82 -13.14 9.78
N PRO A 206 6.52 -12.16 10.59
CA PRO A 206 6.04 -10.87 10.13
C PRO A 206 7.01 -10.11 9.30
N SER A 207 8.27 -10.10 9.69
CA SER A 207 9.31 -9.41 8.99
C SER A 207 9.49 -9.93 7.60
N VAL A 208 9.37 -11.22 7.45
CA VAL A 208 9.45 -11.86 6.17
C VAL A 208 8.33 -11.45 5.24
N SER A 209 7.14 -11.36 5.77
CA SER A 209 5.97 -11.04 4.99
C SER A 209 6.04 -9.63 4.41
N VAL A 210 6.54 -8.68 5.18
CA VAL A 210 6.73 -7.34 4.73
C VAL A 210 7.77 -7.26 3.65
N TRP A 211 8.87 -7.95 3.84
CA TRP A 211 9.95 -8.01 2.88
C TRP A 211 9.49 -8.66 1.62
N LEU A 212 8.68 -9.68 1.75
CA LEU A 212 8.21 -10.40 0.59
C LEU A 212 7.36 -9.53 -0.32
N ASP A 213 6.50 -8.73 0.26
CA ASP A 213 5.65 -7.83 -0.50
C ASP A 213 6.46 -6.80 -1.21
N ARG A 214 7.53 -6.37 -0.59
CA ARG A 214 8.42 -5.45 -1.21
C ARG A 214 9.08 -6.03 -2.46
N VAL A 215 9.56 -7.25 -2.37
CA VAL A 215 10.18 -7.92 -3.48
C VAL A 215 9.23 -8.20 -4.64
N LEU A 216 8.01 -8.57 -4.32
CA LEU A 216 6.96 -8.82 -5.30
C LEU A 216 6.48 -7.54 -5.98
N GLY A 217 6.70 -6.42 -5.32
CA GLY A 217 6.26 -5.11 -5.74
C GLY A 217 7.00 -4.48 -6.88
N PHE A 218 8.13 -5.06 -7.23
CA PHE A 218 8.91 -4.68 -8.39
C PHE A 218 8.12 -4.98 -9.63
N GLY A 219 7.22 -5.94 -9.54
CA GLY A 219 6.33 -6.24 -10.62
C GLY A 219 6.92 -6.98 -11.79
N HIS A 220 6.21 -6.97 -12.91
CA HIS A 220 6.66 -7.62 -14.12
C HIS A 220 7.18 -6.73 -15.23
N GLY A 221 7.11 -5.43 -15.07
CA GLY A 221 7.53 -4.56 -16.13
C GLY A 221 6.51 -4.32 -17.21
N SER A 222 6.95 -4.01 -18.41
CA SER A 222 6.03 -3.71 -19.49
C SER A 222 6.13 -4.68 -20.63
N LEU A 223 5.03 -5.31 -20.99
CA LEU A 223 5.08 -6.31 -22.02
C LEU A 223 4.06 -6.10 -23.11
N SER A 224 4.38 -6.60 -24.30
CA SER A 224 3.45 -6.75 -25.41
C SER A 224 3.50 -8.16 -25.91
N ASP A 225 2.37 -8.74 -26.25
CA ASP A 225 2.35 -10.09 -26.79
C ASP A 225 3.06 -10.20 -28.10
N LEU A 226 3.75 -11.30 -28.30
CA LEU A 226 4.36 -11.62 -29.56
C LEU A 226 4.06 -13.03 -29.88
N SER A 227 3.65 -13.31 -31.09
CA SER A 227 3.36 -14.66 -31.48
C SER A 227 4.61 -15.47 -31.60
N SER A 228 4.50 -16.77 -31.44
CA SER A 228 5.63 -17.64 -31.54
C SER A 228 6.25 -17.66 -32.91
N ALA A 229 5.42 -17.56 -33.92
CA ALA A 229 5.87 -17.48 -35.28
C ALA A 229 6.65 -16.20 -35.55
N ALA A 230 6.20 -15.11 -34.98
CA ALA A 230 6.87 -13.85 -35.18
C ALA A 230 8.25 -13.91 -34.57
N ALA A 231 8.36 -14.62 -33.49
CA ALA A 231 9.61 -14.81 -32.81
C ALA A 231 10.60 -15.60 -33.63
N ILE A 232 10.14 -16.62 -34.32
CA ILE A 232 11.02 -17.31 -35.20
C ILE A 232 11.53 -16.40 -36.31
N GLU A 233 10.66 -15.58 -36.86
CA GLU A 233 11.09 -14.70 -37.92
C GLU A 233 12.13 -13.73 -37.45
N ILE A 234 11.98 -13.26 -36.23
CA ILE A 234 12.89 -12.30 -35.71
C ILE A 234 14.26 -12.91 -35.66
N ALA A 235 14.32 -14.16 -35.28
CA ALA A 235 15.58 -14.86 -35.23
C ALA A 235 16.18 -15.00 -36.60
N SER A 236 15.35 -15.34 -37.56
CA SER A 236 15.81 -15.56 -38.93
C SER A 236 16.39 -14.34 -39.59
N ASN A 237 15.69 -13.23 -39.44
CA ASN A 237 16.13 -11.92 -39.88
C ASN A 237 17.32 -11.37 -39.14
N ALA A 238 17.46 -11.73 -37.89
CA ALA A 238 18.57 -11.29 -37.09
C ALA A 238 19.81 -12.11 -37.31
N THR A 239 20.93 -11.61 -36.85
CA THR A 239 22.14 -12.40 -36.82
C THR A 239 22.75 -12.39 -35.42
N PRO A 240 23.34 -13.50 -35.04
CA PRO A 240 23.79 -13.70 -33.69
C PRO A 240 24.87 -12.74 -33.31
N ALA A 241 24.84 -12.34 -32.05
CA ALA A 241 25.74 -11.35 -31.53
C ALA A 241 27.16 -11.85 -31.54
N PRO A 242 28.08 -10.92 -31.56
CA PRO A 242 29.48 -11.27 -31.56
C PRO A 242 29.79 -11.97 -30.28
N LEU A 243 30.66 -12.95 -30.32
CA LEU A 243 31.04 -13.73 -29.17
C LEU A 243 31.86 -12.93 -28.21
N PRO A 244 31.88 -13.36 -26.97
CA PRO A 244 32.64 -12.66 -25.94
C PRO A 244 34.12 -12.75 -26.23
N ASP A 245 34.87 -11.76 -25.79
CA ASP A 245 36.27 -11.74 -26.12
C ASP A 245 37.11 -12.40 -25.07
N GLU A 246 36.46 -13.00 -24.09
CA GLU A 246 37.15 -13.63 -22.98
C GLU A 246 37.99 -14.80 -23.44
N THR A 247 39.12 -15.00 -22.79
CA THR A 247 40.01 -16.10 -23.13
C THR A 247 39.95 -17.11 -22.01
N PHE A 248 39.69 -18.34 -22.37
CA PHE A 248 39.48 -19.34 -21.37
C PHE A 248 39.93 -20.66 -21.93
N ILE A 249 40.48 -21.50 -21.09
CA ILE A 249 40.81 -22.84 -21.51
C ILE A 249 39.86 -23.76 -20.85
N ASP A 250 39.16 -24.53 -21.64
CA ASP A 250 38.20 -25.42 -21.09
C ASP A 250 38.83 -26.48 -20.23
N PRO A 251 38.18 -26.80 -19.14
CA PRO A 251 38.61 -27.84 -18.23
C PRO A 251 38.63 -29.20 -18.87
N ASN A 252 37.72 -29.44 -19.78
CA ASN A 252 37.69 -30.73 -20.40
C ASN A 252 38.26 -30.76 -21.81
N GLY A 253 38.96 -29.72 -22.20
CA GLY A 253 39.56 -29.67 -23.50
C GLY A 253 38.70 -29.27 -24.66
N PHE A 254 37.46 -28.92 -24.39
CA PHE A 254 36.57 -28.50 -25.44
C PHE A 254 37.01 -27.19 -26.02
N LYS A 255 36.87 -27.06 -27.32
CA LYS A 255 37.36 -25.89 -28.01
C LYS A 255 36.36 -25.43 -29.03
N ALA A 256 36.49 -24.19 -29.46
CA ALA A 256 35.61 -23.69 -30.46
C ALA A 256 35.81 -24.53 -31.69
N GLY A 257 34.72 -24.85 -32.35
CA GLY A 257 34.73 -25.70 -33.51
C GLY A 257 34.49 -27.16 -33.25
N ASP A 258 34.50 -27.59 -32.00
CA ASP A 258 34.22 -28.99 -31.74
C ASP A 258 32.76 -29.25 -31.99
N LYS A 259 32.40 -30.46 -32.34
CA LYS A 259 31.00 -30.76 -32.57
C LYS A 259 30.46 -31.40 -31.32
N VAL A 260 29.42 -30.79 -30.79
CA VAL A 260 29.03 -31.04 -29.43
C VAL A 260 27.57 -31.22 -29.20
N ALA A 261 27.24 -31.81 -28.07
CA ALA A 261 25.88 -31.82 -27.60
C ALA A 261 25.92 -31.30 -26.18
N ILE A 262 24.89 -30.60 -25.80
CA ILE A 262 24.79 -30.12 -24.45
C ILE A 262 23.47 -30.53 -23.90
N ALA A 263 23.49 -31.06 -22.69
CA ALA A 263 22.26 -31.42 -22.03
C ALA A 263 22.24 -30.96 -20.60
N ALA A 264 21.06 -30.73 -20.08
CA ALA A 264 20.90 -30.45 -18.68
C ALA A 264 21.22 -31.73 -17.99
N VAL A 265 21.87 -31.62 -16.85
CA VAL A 265 22.26 -32.77 -16.08
C VAL A 265 21.08 -33.56 -15.58
N ASP A 266 20.04 -32.84 -15.19
CA ASP A 266 18.77 -33.41 -14.82
C ASP A 266 18.02 -34.11 -15.94
N TYR A 267 18.05 -33.53 -17.13
CA TYR A 267 17.20 -33.96 -18.22
C TYR A 267 17.98 -34.22 -19.49
N GLY A 268 18.69 -35.34 -19.50
CA GLY A 268 19.64 -35.69 -20.52
C GLY A 268 18.95 -35.87 -21.83
N VAL A 269 17.65 -36.07 -21.77
CA VAL A 269 16.88 -36.40 -22.95
C VAL A 269 16.89 -35.33 -24.02
N GLU A 270 16.67 -34.08 -23.65
CA GLU A 270 16.63 -33.00 -24.62
C GLU A 270 17.98 -32.40 -24.90
N ALA A 271 18.95 -33.18 -25.32
CA ALA A 271 20.27 -32.66 -25.55
C ALA A 271 20.24 -31.78 -26.76
N VAL A 272 21.12 -30.80 -26.83
CA VAL A 272 21.11 -29.90 -27.95
C VAL A 272 22.41 -29.97 -28.70
N GLU A 273 22.35 -30.18 -30.00
CA GLU A 273 23.52 -30.43 -30.79
C GLU A 273 23.92 -29.27 -31.67
N GLY A 274 25.21 -29.10 -31.88
CA GLY A 274 25.65 -27.95 -32.62
C GLY A 274 27.13 -27.78 -32.60
N GLU A 275 27.58 -26.62 -32.97
CA GLU A 275 28.99 -26.35 -32.99
C GLU A 275 29.33 -25.41 -31.89
N LEU A 276 30.27 -25.81 -31.05
CA LEU A 276 30.61 -25.03 -29.91
C LEU A 276 31.29 -23.81 -30.41
N PHE A 278 31.81 -20.91 -28.20
CA PHE A 278 32.50 -20.25 -27.12
C PHE A 278 32.38 -21.07 -25.86
N THR A 279 33.46 -21.16 -25.13
CA THR A 279 33.48 -21.75 -23.81
C THR A 279 34.08 -20.73 -22.89
N GLY A 280 33.41 -20.49 -21.78
CA GLY A 280 33.75 -19.40 -20.89
C GLY A 280 33.46 -19.74 -19.47
N ARG A 281 33.80 -18.84 -18.57
CA ARG A 281 33.62 -19.03 -17.16
C ARG A 281 32.16 -19.17 -16.75
N GLU A 282 31.33 -18.34 -17.35
CA GLU A 282 29.93 -18.36 -17.13
C GLU A 282 29.14 -18.98 -18.24
N GLU A 283 29.76 -19.24 -19.38
CA GLU A 283 28.98 -19.52 -20.57
C GLU A 283 29.51 -20.53 -21.57
N LEU A 284 28.61 -21.26 -22.19
CA LEU A 284 28.89 -22.01 -23.37
C LEU A 284 27.96 -21.59 -24.49
N ILE A 285 28.48 -21.38 -25.68
CA ILE A 285 27.67 -20.98 -26.81
C ILE A 285 27.68 -21.98 -27.95
N LEU A 286 26.54 -22.28 -28.46
CA LEU A 286 26.50 -23.28 -29.46
C LEU A 286 25.70 -22.80 -30.65
N ARG A 287 26.22 -23.09 -31.83
CA ARG A 287 25.66 -22.66 -33.09
C ARG A 287 24.89 -23.79 -33.69
N ARG A 288 23.68 -23.54 -34.12
CA ARG A 288 22.90 -24.52 -34.82
C ARG A 288 22.10 -23.85 -35.89
N GLU A 289 21.70 -24.59 -36.91
CA GLU A 289 20.93 -24.01 -38.00
C GLU A 289 19.58 -24.68 -38.07
N ASP A 290 18.52 -23.90 -38.03
CA ASP A 290 17.20 -24.47 -38.02
C ASP A 290 16.48 -24.21 -39.30
N ASN A 291 15.63 -25.13 -39.72
CA ASN A 291 15.00 -25.00 -41.01
C ASN A 291 14.13 -23.77 -41.11
N ARG A 292 13.28 -23.54 -40.13
CA ARG A 292 12.63 -22.24 -39.97
C ARG A 292 13.39 -21.05 -39.45
N ALA A 293 14.13 -21.21 -38.36
CA ALA A 293 14.75 -20.06 -37.71
C ALA A 293 16.12 -19.64 -38.22
N GLY A 294 16.76 -20.46 -39.03
CA GLY A 294 18.04 -20.08 -39.55
C GLY A 294 19.15 -20.35 -38.59
N VAL A 295 20.21 -19.60 -38.73
CA VAL A 295 21.35 -19.78 -37.88
C VAL A 295 21.12 -19.13 -36.54
N VAL A 296 21.41 -19.86 -35.49
CA VAL A 296 21.10 -19.43 -34.16
C VAL A 296 22.21 -19.79 -33.18
N HIS A 297 22.40 -18.95 -32.17
CA HIS A 297 23.35 -19.22 -31.12
C HIS A 297 22.58 -19.49 -29.86
N VAL A 298 22.89 -20.58 -29.19
CA VAL A 298 22.23 -20.98 -27.96
C VAL A 298 23.20 -20.98 -26.79
N HIS A 299 22.83 -20.32 -25.72
CA HIS A 299 23.72 -20.12 -24.60
C HIS A 299 23.32 -20.88 -23.35
N PHE A 300 24.29 -21.56 -22.78
CA PHE A 300 24.11 -22.37 -21.59
C PHE A 300 25.14 -22.02 -20.59
N PRO A 301 24.79 -22.12 -19.33
CA PRO A 301 25.74 -21.98 -18.25
C PRO A 301 26.59 -23.21 -18.06
N ARG A 302 27.75 -23.09 -17.45
CA ARG A 302 28.46 -24.28 -17.09
C ARG A 302 27.69 -25.10 -16.08
N LEU A 303 27.09 -24.43 -15.11
CA LEU A 303 26.41 -25.13 -14.04
C LEU A 303 25.14 -25.81 -14.48
N GLY A 304 25.05 -27.07 -14.16
CA GLY A 304 23.89 -27.85 -14.45
C GLY A 304 23.79 -28.41 -15.84
N PHE A 305 24.83 -28.27 -16.62
CA PHE A 305 24.79 -28.73 -17.96
C PHE A 305 26.03 -29.50 -18.28
N ARG A 306 25.90 -30.46 -19.16
CA ARG A 306 26.99 -31.32 -19.47
C ARG A 306 27.34 -31.20 -20.91
N VAL A 307 28.61 -31.29 -21.22
CA VAL A 307 29.04 -31.25 -22.59
C VAL A 307 29.63 -32.58 -23.03
N GLU A 308 29.09 -33.09 -24.12
CA GLU A 308 29.49 -34.34 -24.69
C GLU A 308 30.07 -34.05 -26.03
N LYS A 309 31.16 -34.68 -26.38
CA LYS A 309 31.70 -34.59 -27.73
C LYS A 309 30.79 -35.27 -28.75
N ARG A 310 30.75 -34.75 -29.96
CA ARG A 310 29.97 -35.34 -31.02
C ARG A 310 30.53 -35.09 -32.41
N SER B 2 -21.66 2.35 1.81
CA SER B 2 -22.40 1.50 0.91
C SER B 2 -21.48 0.91 -0.13
N GLU B 3 -20.19 1.09 0.04
CA GLU B 3 -19.20 0.50 -0.84
C GLU B 3 -19.17 -1.00 -0.70
N LEU B 4 -18.84 -1.66 -1.80
CA LEU B 4 -18.65 -3.08 -1.83
C LEU B 4 -17.32 -3.41 -1.23
N ILE B 5 -17.30 -4.22 -0.19
CA ILE B 5 -16.09 -4.60 0.49
C ILE B 5 -15.83 -6.09 0.45
N LEU B 6 -14.67 -6.52 0.00
CA LEU B 6 -14.37 -7.93 -0.04
C LEU B 6 -13.33 -8.32 0.97
N HIS B 7 -13.61 -9.32 1.77
CA HIS B 7 -12.66 -9.82 2.71
C HIS B 7 -12.04 -11.07 2.14
N HIS B 8 -10.77 -11.00 1.83
CA HIS B 8 -10.10 -12.12 1.21
C HIS B 8 -8.62 -12.17 1.50
N TYR B 9 -8.00 -13.26 1.14
CA TYR B 9 -6.57 -13.32 1.13
C TYR B 9 -6.18 -13.22 -0.32
N PRO B 10 -5.51 -12.15 -0.68
CA PRO B 10 -5.33 -11.78 -2.07
C PRO B 10 -4.55 -12.73 -2.96
N THR B 11 -3.57 -13.43 -2.42
CA THR B 11 -2.83 -14.37 -3.20
C THR B 11 -3.45 -15.75 -3.34
N SER B 12 -4.51 -16.03 -2.60
CA SER B 12 -5.11 -17.34 -2.62
C SER B 12 -5.80 -17.73 -3.91
N LEU B 13 -5.54 -18.92 -4.39
CA LEU B 13 -6.17 -19.47 -5.57
C LEU B 13 -7.67 -19.61 -5.44
N PHE B 14 -8.07 -19.99 -4.25
CA PHE B 14 -9.42 -20.23 -3.84
C PHE B 14 -10.31 -19.01 -3.84
N ALA B 15 -9.70 -17.85 -3.76
CA ALA B 15 -10.43 -16.62 -3.74
C ALA B 15 -10.61 -15.99 -5.09
N GLU B 16 -10.10 -16.62 -6.12
CA GLU B 16 -10.04 -16.06 -7.44
C GLU B 16 -11.38 -15.80 -8.09
N LYS B 17 -12.31 -16.69 -7.88
CA LYS B 17 -13.63 -16.61 -8.46
C LYS B 17 -14.41 -15.39 -8.02
N ALA B 18 -14.31 -15.03 -6.76
CA ALA B 18 -14.95 -13.84 -6.24
C ALA B 18 -14.41 -12.55 -6.84
N ARG B 19 -13.12 -12.46 -7.02
CA ARG B 19 -12.52 -11.35 -7.71
C ARG B 19 -12.94 -11.26 -9.18
N LEU B 20 -13.02 -12.38 -9.85
CA LEU B 20 -13.49 -12.44 -11.20
C LEU B 20 -14.93 -12.01 -11.28
N LEU B 22 -16.48 -9.81 -9.40
CA LEU B 22 -16.43 -8.37 -9.33
C LEU B 22 -15.94 -7.77 -10.63
N GLY B 23 -15.02 -8.43 -11.28
CA GLY B 23 -14.54 -8.02 -12.57
C GLY B 23 -15.62 -8.08 -13.61
N PHE B 24 -16.42 -9.13 -13.57
CA PHE B 24 -17.49 -9.30 -14.50
C PHE B 24 -18.51 -8.16 -14.37
N LYS B 25 -18.82 -7.78 -13.15
CA LYS B 25 -19.76 -6.72 -12.89
C LYS B 25 -19.19 -5.32 -13.10
N GLY B 26 -17.91 -5.20 -13.33
CA GLY B 26 -17.27 -3.92 -13.51
C GLY B 26 -17.44 -2.90 -12.42
N VAL B 27 -17.33 -3.30 -11.17
CA VAL B 27 -17.61 -2.42 -10.08
C VAL B 27 -16.34 -2.09 -9.34
N ASN B 28 -16.36 -0.97 -8.64
CA ASN B 28 -15.32 -0.60 -7.72
C ASN B 28 -15.51 -1.28 -6.39
N TRP B 29 -14.42 -1.66 -5.75
CA TRP B 29 -14.50 -2.34 -4.49
C TRP B 29 -13.33 -2.13 -3.57
N ARG B 30 -13.53 -2.42 -2.30
CA ARG B 30 -12.52 -2.25 -1.30
C ARG B 30 -11.99 -3.59 -0.93
N SER B 31 -10.69 -3.69 -0.79
CA SER B 31 -10.08 -4.95 -0.55
C SER B 31 -9.59 -5.04 0.86
N VAL B 32 -10.12 -5.93 1.64
CA VAL B 32 -9.61 -6.10 2.96
C VAL B 32 -8.86 -7.39 3.02
N THR B 33 -7.58 -7.30 3.31
CA THR B 33 -6.75 -8.45 3.45
C THR B 33 -6.94 -9.09 4.80
N ILE B 34 -7.14 -10.38 4.83
CA ILE B 34 -7.38 -11.06 6.06
C ILE B 34 -6.18 -11.91 6.37
N PRO B 35 -6.03 -12.29 7.61
CA PRO B 35 -4.94 -13.15 7.98
C PRO B 35 -5.14 -14.57 7.50
N SER B 36 -4.07 -15.21 7.08
CA SER B 36 -3.96 -16.65 6.97
C SER B 36 -3.98 -17.27 8.34
N ILE B 37 -3.35 -16.61 9.28
CA ILE B 37 -3.25 -17.12 10.61
C ILE B 37 -4.54 -17.08 11.37
N PRO B 39 -6.32 -16.67 14.95
CA PRO B 39 -7.70 -16.51 14.57
C PRO B 39 -7.82 -15.25 13.74
N LYS B 40 -9.03 -14.91 13.39
CA LYS B 40 -9.25 -13.73 12.60
C LYS B 40 -10.33 -12.92 13.23
N PRO B 41 -9.96 -12.29 14.30
CA PRO B 41 -10.88 -11.58 15.14
C PRO B 41 -11.56 -10.45 14.42
N ASP B 42 -10.88 -9.72 13.57
CA ASP B 42 -11.49 -8.63 12.88
C ASP B 42 -12.55 -9.11 11.94
N LEU B 43 -12.30 -10.25 11.33
CA LEU B 43 -13.27 -10.90 10.50
C LEU B 43 -14.45 -11.47 11.24
N THR B 44 -14.23 -12.16 12.33
CA THR B 44 -15.32 -12.77 13.06
C THR B 44 -16.13 -11.73 13.79
N ALA B 45 -15.57 -10.56 13.91
CA ALA B 45 -16.29 -9.45 14.48
C ALA B 45 -17.47 -9.12 13.62
N LEU B 46 -17.28 -9.16 12.31
CA LEU B 46 -18.38 -9.15 11.39
C LEU B 46 -19.22 -10.42 11.23
N THR B 47 -18.56 -11.54 11.05
CA THR B 47 -19.24 -12.81 10.88
C THR B 47 -19.94 -13.41 12.10
N GLY B 48 -19.35 -13.25 13.26
CA GLY B 48 -19.82 -14.01 14.39
C GLY B 48 -19.15 -15.35 14.48
N GLY B 49 -18.20 -15.59 13.61
CA GLY B 49 -17.47 -16.84 13.62
C GLY B 49 -17.32 -17.63 12.35
N TYR B 50 -18.01 -17.27 11.30
CA TYR B 50 -17.83 -17.95 10.02
C TYR B 50 -16.60 -17.44 9.30
N ARG B 51 -15.66 -18.33 9.05
CA ARG B 51 -14.37 -17.93 8.50
C ARG B 51 -14.06 -18.30 7.07
N LYS B 52 -14.92 -19.02 6.40
CA LYS B 52 -14.64 -19.31 5.01
C LYS B 52 -14.72 -18.03 4.23
N THR B 53 -13.78 -17.76 3.36
CA THR B 53 -13.78 -16.51 2.65
C THR B 53 -13.53 -16.81 1.21
N PRO B 54 -13.82 -15.87 0.32
CA PRO B 54 -14.14 -14.49 0.62
C PRO B 54 -15.51 -14.21 1.20
N VAL B 55 -15.60 -13.07 1.87
CA VAL B 55 -16.82 -12.56 2.43
C VAL B 55 -17.08 -11.16 1.89
N LEU B 56 -18.33 -10.81 1.70
CA LEU B 56 -18.65 -9.52 1.16
C LEU B 56 -19.36 -8.69 2.19
N GLN B 57 -18.89 -7.49 2.42
CA GLN B 57 -19.52 -6.59 3.34
C GLN B 57 -20.03 -5.39 2.61
N ILE B 58 -21.25 -5.00 2.87
CA ILE B 58 -21.74 -3.71 2.49
C ILE B 58 -22.36 -3.10 3.71
N GLY B 59 -21.68 -2.14 4.29
CA GLY B 59 -22.15 -1.54 5.50
C GLY B 59 -22.20 -2.47 6.68
N ALA B 60 -23.41 -2.62 7.18
CA ALA B 60 -23.66 -3.47 8.30
C ALA B 60 -24.26 -4.81 7.87
N ASP B 61 -24.22 -5.10 6.59
CA ASP B 61 -24.67 -6.36 6.07
C ASP B 61 -23.50 -7.20 5.60
N ILE B 62 -23.42 -8.42 6.09
CA ILE B 62 -22.34 -9.32 5.79
C ILE B 62 -22.91 -10.49 5.01
N TYR B 63 -22.33 -10.82 3.88
CA TYR B 63 -22.84 -11.89 3.07
C TYR B 63 -21.88 -13.05 2.98
N CYS B 64 -22.34 -14.21 3.41
CA CYS B 64 -21.51 -15.41 3.47
C CYS B 64 -21.82 -16.40 2.36
N ASP B 65 -20.79 -16.85 1.71
CA ASP B 65 -20.84 -17.81 0.63
C ASP B 65 -20.80 -17.09 -0.66
N THR B 66 -19.92 -17.50 -1.54
CA THR B 66 -19.75 -16.84 -2.81
C THR B 66 -20.99 -16.96 -3.65
N ALA B 67 -21.69 -18.05 -3.47
CA ALA B 67 -22.91 -18.28 -4.19
C ALA B 67 -23.98 -17.28 -3.85
N LEU B 68 -24.12 -16.95 -2.59
CA LEU B 68 -24.93 -15.85 -2.15
C LEU B 68 -24.39 -14.51 -2.60
N ALA B 70 -22.91 -13.87 -5.27
CA ALA B 70 -23.25 -13.62 -6.63
C ALA B 70 -24.61 -12.99 -6.77
N ARG B 71 -25.58 -13.48 -6.03
CA ARG B 71 -26.91 -12.89 -6.06
C ARG B 71 -27.01 -11.47 -5.55
N ARG B 72 -26.29 -11.17 -4.48
CA ARG B 72 -26.22 -9.85 -3.91
C ARG B 72 -25.62 -8.85 -4.86
N LEU B 73 -24.65 -9.27 -5.62
CA LEU B 73 -24.09 -8.45 -6.66
C LEU B 73 -25.09 -8.17 -7.73
N GLU B 74 -25.91 -9.16 -8.02
CA GLU B 74 -26.93 -9.07 -9.03
C GLU B 74 -27.93 -7.98 -8.65
N GLN B 75 -28.25 -7.88 -7.38
CA GLN B 75 -29.07 -6.82 -6.87
C GLN B 75 -28.39 -5.49 -6.99
N GLU B 76 -27.10 -5.46 -6.76
CA GLU B 76 -26.32 -4.25 -6.95
C GLU B 76 -26.15 -3.73 -8.37
N LYS B 77 -25.83 -4.59 -9.30
CA LYS B 77 -25.76 -4.23 -10.71
C LYS B 77 -26.34 -5.29 -11.59
N ALA B 78 -27.48 -5.03 -12.18
CA ALA B 78 -28.19 -6.04 -12.92
C ALA B 78 -27.46 -6.58 -14.10
N SER B 79 -26.69 -5.73 -14.76
CA SER B 79 -26.10 -6.05 -16.03
C SER B 79 -24.60 -5.95 -15.93
N PRO B 80 -23.87 -6.88 -16.51
CA PRO B 80 -24.36 -8.10 -17.14
C PRO B 80 -24.86 -9.13 -16.16
N ALA B 81 -25.78 -9.97 -16.56
CA ALA B 81 -26.43 -10.86 -15.63
C ALA B 81 -25.70 -12.15 -15.30
N PHE B 82 -25.60 -12.48 -14.03
CA PHE B 82 -25.11 -13.77 -13.59
C PHE B 82 -26.06 -14.85 -13.98
N TYR B 83 -27.34 -14.55 -13.87
CA TYR B 83 -28.39 -15.47 -14.24
C TYR B 83 -29.28 -14.91 -15.32
N PRO B 84 -29.02 -15.26 -16.55
CA PRO B 84 -29.81 -14.77 -17.68
C PRO B 84 -31.23 -15.28 -17.68
N GLN B 85 -32.16 -14.43 -18.08
CA GLN B 85 -33.56 -14.77 -18.04
C GLN B 85 -33.84 -15.97 -18.90
N GLY B 86 -34.62 -16.89 -18.35
CA GLY B 86 -34.97 -18.14 -18.97
C GLY B 86 -34.01 -19.29 -18.81
N GLN B 87 -32.94 -19.05 -18.08
CA GLN B 87 -31.95 -20.08 -17.82
C GLN B 87 -31.56 -20.17 -16.34
N GLU B 88 -32.39 -19.64 -15.47
CA GLU B 88 -32.03 -19.48 -14.10
C GLU B 88 -31.76 -20.77 -13.35
N PHE B 89 -32.65 -21.72 -13.51
CA PHE B 89 -32.47 -23.02 -12.93
C PHE B 89 -31.31 -23.76 -13.52
N ALA B 90 -31.19 -23.74 -14.83
CA ALA B 90 -30.12 -24.44 -15.47
C ALA B 90 -28.77 -23.90 -15.11
N VAL B 91 -28.65 -22.59 -15.04
CA VAL B 91 -27.39 -21.98 -14.68
C VAL B 91 -26.94 -22.31 -13.27
N ALA B 92 -27.83 -22.17 -12.33
CA ALA B 92 -27.51 -22.39 -10.95
C ALA B 92 -27.09 -23.82 -10.70
N GLY B 93 -27.79 -24.75 -11.33
CA GLY B 93 -27.48 -26.14 -11.21
C GLY B 93 -26.16 -26.53 -11.78
N LEU B 94 -25.85 -26.03 -12.96
CA LEU B 94 -24.54 -26.30 -13.51
C LEU B 94 -23.46 -25.71 -12.65
N ALA B 95 -23.70 -24.53 -12.14
CA ALA B 95 -22.77 -23.85 -11.29
C ALA B 95 -22.52 -24.59 -10.00
N ALA B 96 -23.55 -25.10 -9.38
CA ALA B 96 -23.42 -25.92 -8.21
C ALA B 96 -22.69 -27.23 -8.46
N TRP B 97 -22.92 -27.84 -9.60
CA TRP B 97 -22.23 -29.04 -9.97
C TRP B 97 -20.75 -28.80 -10.14
N ALA B 98 -20.38 -27.72 -10.79
CA ALA B 98 -19.00 -27.33 -10.95
C ALA B 98 -18.33 -27.03 -9.65
N ASP B 99 -19.05 -26.36 -8.78
CA ASP B 99 -18.54 -26.00 -7.49
C ASP B 99 -18.28 -27.18 -6.60
N SER B 100 -18.96 -28.27 -6.85
CA SER B 100 -18.74 -29.44 -6.07
C SER B 100 -17.92 -30.47 -6.80
N VAL B 101 -18.50 -31.14 -7.76
CA VAL B 101 -17.77 -32.19 -8.43
C VAL B 101 -16.55 -31.77 -9.24
N LEU B 102 -16.69 -30.79 -10.10
CA LEU B 102 -15.60 -30.34 -10.92
C LEU B 102 -14.44 -29.75 -10.14
N PHE B 103 -14.75 -28.97 -9.13
CA PHE B 103 -13.79 -28.33 -8.26
C PHE B 103 -12.98 -29.32 -7.48
N LEU B 104 -13.65 -30.34 -7.01
CA LEU B 104 -13.01 -31.38 -6.28
C LEU B 104 -12.01 -32.12 -7.12
N HIS B 105 -12.36 -32.37 -8.36
CA HIS B 105 -11.46 -33.01 -9.26
C HIS B 105 -10.25 -32.17 -9.55
N ALA B 106 -10.47 -30.92 -9.86
CA ALA B 106 -9.37 -30.08 -10.19
C ALA B 106 -8.38 -29.90 -9.06
N VAL B 107 -8.83 -29.66 -7.86
CA VAL B 107 -7.92 -29.49 -6.73
C VAL B 107 -7.11 -30.75 -6.37
N SER B 108 -7.74 -31.90 -6.51
CA SER B 108 -7.08 -33.15 -6.31
C SER B 108 -6.01 -33.36 -7.33
N LEU B 109 -6.26 -32.95 -8.56
CA LEU B 109 -5.26 -33.10 -9.57
C LEU B 109 -4.04 -32.24 -9.33
N VAL B 110 -4.24 -30.98 -9.04
CA VAL B 110 -3.14 -30.10 -8.74
C VAL B 110 -2.35 -30.39 -7.48
N PHE B 111 -3.02 -30.54 -6.35
CA PHE B 111 -2.29 -30.60 -5.13
C PHE B 111 -1.83 -31.98 -4.80
N GLN B 112 -0.86 -32.45 -5.57
CA GLN B 112 -0.25 -33.71 -5.32
C GLN B 112 1.18 -33.63 -5.80
N PRO B 113 2.01 -34.55 -5.36
CA PRO B 113 3.45 -34.43 -5.49
C PRO B 113 3.96 -34.39 -6.91
N GLU B 114 3.21 -34.94 -7.84
CA GLU B 114 3.68 -34.98 -9.20
C GLU B 114 3.72 -33.62 -9.86
N SER B 115 3.12 -32.64 -9.22
CA SER B 115 3.07 -31.29 -9.73
C SER B 115 4.30 -30.48 -9.37
N PRO B 148 -9.56 -40.09 -3.77
CA PRO B 148 -8.56 -40.91 -4.43
C PRO B 148 -8.22 -40.35 -5.76
N VAL B 149 -6.98 -39.93 -5.90
CA VAL B 149 -6.52 -39.22 -7.07
C VAL B 149 -6.63 -40.04 -8.33
N GLU B 150 -6.45 -41.34 -8.20
CA GLU B 150 -6.53 -42.22 -9.34
C GLU B 150 -7.88 -42.24 -9.99
N GLN B 151 -8.93 -42.25 -9.20
CA GLN B 151 -10.29 -42.13 -9.69
C GLN B 151 -10.59 -40.78 -10.30
N VAL B 152 -10.02 -39.73 -9.74
CA VAL B 152 -10.20 -38.40 -10.28
C VAL B 152 -9.60 -38.31 -11.65
N LYS B 153 -8.41 -38.85 -11.81
CA LYS B 153 -7.74 -38.80 -13.08
C LYS B 153 -8.57 -39.57 -14.06
N HIS B 154 -9.12 -40.68 -13.62
CA HIS B 154 -9.89 -41.54 -14.45
C HIS B 154 -11.11 -40.83 -14.99
N GLN B 155 -11.79 -40.06 -14.16
CA GLN B 155 -12.97 -39.33 -14.58
C GLN B 155 -12.79 -38.03 -15.33
N TRP B 156 -11.64 -37.40 -15.24
CA TRP B 156 -11.47 -36.05 -15.72
C TRP B 156 -11.74 -35.85 -17.20
N PRO B 157 -11.31 -36.79 -18.01
CA PRO B 157 -11.42 -36.69 -19.45
C PRO B 157 -12.84 -36.61 -19.93
N THR B 158 -13.75 -37.32 -19.31
CA THR B 158 -15.09 -37.25 -19.77
C THR B 158 -15.62 -35.87 -19.59
N PHE B 159 -15.30 -35.23 -18.48
CA PHE B 159 -15.76 -33.87 -18.26
C PHE B 159 -15.19 -32.93 -19.28
N SER B 161 -13.77 -33.60 -22.31
CA SER B 161 -14.19 -33.91 -23.65
C SER B 161 -15.60 -33.43 -23.94
N ARG B 162 -16.47 -33.53 -22.97
CA ARG B 162 -17.79 -33.00 -23.11
C ARG B 162 -17.76 -31.50 -23.26
N LEU B 163 -16.91 -30.83 -22.50
CA LEU B 163 -16.72 -29.40 -22.62
C LEU B 163 -16.12 -29.02 -23.93
N GLU B 164 -15.15 -29.78 -24.37
CA GLU B 164 -14.55 -29.53 -25.64
C GLU B 164 -15.58 -29.69 -26.68
N SER B 165 -16.43 -30.68 -26.55
CA SER B 165 -17.42 -30.89 -27.56
C SER B 165 -18.41 -29.76 -27.68
N GLN B 166 -18.93 -29.27 -26.58
CA GLN B 166 -19.87 -28.18 -26.67
C GLN B 166 -19.23 -26.94 -27.24
N LEU B 167 -18.01 -26.67 -26.82
CA LEU B 167 -17.30 -25.48 -27.22
C LEU B 167 -16.87 -25.48 -28.68
N SER B 168 -16.72 -26.65 -29.24
CA SER B 168 -16.22 -26.82 -30.58
C SER B 168 -17.18 -26.17 -31.52
N HIS B 169 -18.36 -25.87 -31.03
CA HIS B 169 -19.39 -25.25 -31.84
C HIS B 169 -19.33 -23.75 -31.89
N GLY B 170 -18.36 -23.15 -31.26
CA GLY B 170 -18.19 -21.71 -31.34
C GLY B 170 -19.06 -20.79 -30.51
N GLY B 171 -19.76 -21.33 -29.53
CA GLY B 171 -20.46 -20.51 -28.59
C GLY B 171 -19.49 -19.74 -27.74
N ASP B 172 -19.85 -18.53 -27.38
CA ASP B 172 -19.03 -17.71 -26.53
C ASP B 172 -18.92 -18.18 -25.11
N PHE B 173 -20.00 -18.69 -24.56
CA PHE B 173 -20.07 -19.03 -23.16
C PHE B 173 -20.94 -20.24 -22.99
N LEU B 174 -20.94 -20.82 -21.81
CA LEU B 174 -21.56 -22.09 -21.62
C LEU B 174 -23.03 -22.01 -21.92
N PHE B 175 -23.64 -20.93 -21.54
CA PHE B 175 -25.04 -20.75 -21.77
C PHE B 175 -25.31 -19.77 -22.86
N GLY B 176 -24.29 -19.48 -23.66
CA GLY B 176 -24.46 -18.52 -24.70
C GLY B 176 -23.93 -17.21 -24.21
N ALA B 177 -24.80 -16.49 -23.53
CA ALA B 177 -24.44 -15.31 -22.80
C ALA B 177 -23.68 -15.73 -21.57
N PRO B 178 -22.80 -14.87 -21.11
CA PRO B 178 -22.03 -15.12 -19.92
C PRO B 178 -22.91 -15.23 -18.70
N SER B 179 -22.48 -16.07 -17.77
CA SER B 179 -23.21 -16.34 -16.56
C SER B 179 -22.32 -16.85 -15.43
N ILE B 180 -22.91 -17.00 -14.26
CA ILE B 180 -22.19 -17.40 -13.09
C ILE B 180 -21.60 -18.77 -13.30
N ALA B 181 -22.21 -19.57 -14.16
CA ALA B 181 -21.71 -20.88 -14.45
C ALA B 181 -20.34 -20.88 -15.08
N ASP B 182 -20.03 -19.89 -15.89
CA ASP B 182 -18.72 -19.80 -16.51
C ASP B 182 -17.64 -19.64 -15.47
N PHE B 183 -17.91 -18.80 -14.51
CA PHE B 183 -17.00 -18.59 -13.43
C PHE B 183 -16.79 -19.80 -12.56
N SER B 184 -17.83 -20.56 -12.29
CA SER B 184 -17.64 -21.76 -11.54
C SER B 184 -16.78 -22.76 -12.26
N VAL B 185 -17.06 -22.99 -13.52
CA VAL B 185 -16.18 -23.85 -14.29
C VAL B 185 -14.79 -23.27 -14.48
N ALA B 186 -14.71 -21.99 -14.78
CA ALA B 186 -13.44 -21.34 -15.01
C ALA B 186 -12.57 -21.37 -13.78
N HIS B 187 -13.18 -21.24 -12.62
CA HIS B 187 -12.42 -21.27 -11.41
C HIS B 187 -11.71 -22.59 -11.20
N THR B 188 -12.36 -23.69 -11.52
CA THR B 188 -11.73 -24.99 -11.39
C THR B 188 -10.54 -25.13 -12.30
N LEU B 189 -10.66 -24.64 -13.50
CA LEU B 189 -9.60 -24.68 -14.49
C LEU B 189 -8.40 -23.84 -14.16
N TRP B 190 -8.62 -22.79 -13.40
CA TRP B 190 -7.59 -21.86 -13.02
C TRP B 190 -6.53 -22.58 -12.22
N PHE B 191 -6.93 -23.52 -11.42
CA PHE B 191 -5.98 -24.29 -10.67
C PHE B 191 -5.05 -25.06 -11.56
N LEU B 192 -5.54 -25.68 -12.60
CA LEU B 192 -4.75 -26.51 -13.47
C LEU B 192 -3.67 -25.76 -14.24
N LYS B 193 -3.99 -24.52 -14.59
CA LYS B 193 -3.18 -23.61 -15.34
C LYS B 193 -1.96 -23.10 -14.60
N GLN B 194 -1.96 -23.29 -13.29
CA GLN B 194 -0.88 -22.90 -12.42
C GLN B 194 0.47 -23.59 -12.56
N THR B 195 0.47 -24.85 -12.95
CA THR B 195 1.72 -25.60 -13.08
C THR B 195 1.85 -26.28 -14.43
N PRO B 196 3.08 -26.53 -14.85
CA PRO B 196 3.35 -27.12 -16.14
C PRO B 196 2.79 -28.50 -16.26
N VAL B 197 2.89 -29.23 -15.18
CA VAL B 197 2.33 -30.55 -15.11
C VAL B 197 0.83 -30.62 -15.22
N THR B 198 0.10 -29.69 -14.63
CA THR B 198 -1.35 -29.78 -14.68
C THR B 198 -2.00 -29.07 -15.85
N ALA B 199 -1.27 -28.24 -16.54
CA ALA B 199 -1.83 -27.40 -17.59
C ALA B 199 -2.46 -28.10 -18.79
N PRO B 200 -1.96 -29.27 -19.12
CA PRO B 200 -2.48 -30.07 -20.20
C PRO B 200 -3.89 -30.55 -19.93
N PHE B 201 -4.26 -30.64 -18.67
CA PHE B 201 -5.58 -31.08 -18.34
C PHE B 201 -6.60 -30.11 -18.88
N VAL B 202 -6.28 -28.84 -18.94
CA VAL B 202 -7.05 -27.87 -19.69
C VAL B 202 -6.66 -27.72 -21.14
N ASP B 203 -5.37 -27.59 -21.40
CA ASP B 203 -4.83 -27.25 -22.71
C ASP B 203 -4.96 -28.30 -23.82
N ASP B 204 -5.05 -29.57 -23.47
CA ASP B 204 -5.19 -30.62 -24.45
C ASP B 204 -6.51 -30.48 -25.18
N TYR B 205 -7.42 -29.72 -24.62
CA TYR B 205 -8.65 -29.41 -25.27
C TYR B 205 -8.59 -27.96 -25.64
N PRO B 206 -8.39 -27.67 -26.92
CA PRO B 206 -8.19 -26.33 -27.40
C PRO B 206 -9.35 -25.39 -27.25
N SER B 207 -10.54 -25.88 -27.54
CA SER B 207 -11.70 -25.04 -27.44
C SER B 207 -11.91 -24.61 -26.03
N VAL B 208 -11.59 -25.48 -25.10
CA VAL B 208 -11.72 -25.14 -23.72
C VAL B 208 -10.79 -24.04 -23.34
N SER B 209 -9.57 -24.07 -23.86
CA SER B 209 -8.58 -23.07 -23.56
C SER B 209 -8.95 -21.68 -24.00
N VAL B 210 -9.50 -21.53 -25.19
CA VAL B 210 -9.92 -20.25 -25.68
C VAL B 210 -11.05 -19.68 -24.87
N TRP B 211 -11.99 -20.51 -24.48
CA TRP B 211 -13.10 -20.10 -23.66
C TRP B 211 -12.65 -19.61 -22.30
N LEU B 212 -11.70 -20.29 -21.69
CA LEU B 212 -11.22 -19.93 -20.37
C LEU B 212 -10.54 -18.57 -20.30
N ASP B 213 -9.78 -18.26 -21.33
CA ASP B 213 -9.12 -16.99 -21.45
C ASP B 213 -10.15 -15.89 -21.56
N ARG B 214 -11.27 -16.18 -22.19
CA ARG B 214 -12.34 -15.25 -22.28
C ARG B 214 -12.97 -14.93 -20.95
N VAL B 215 -13.20 -15.92 -20.12
CA VAL B 215 -13.71 -15.72 -18.78
C VAL B 215 -12.72 -15.04 -17.85
N LEU B 216 -11.46 -15.44 -17.95
CA LEU B 216 -10.37 -14.85 -17.20
C LEU B 216 -10.12 -13.40 -17.59
N GLY B 217 -10.51 -13.05 -18.79
CA GLY B 217 -10.31 -11.75 -19.34
C GLY B 217 -11.17 -10.68 -18.72
N PHE B 218 -12.12 -11.11 -17.94
CA PHE B 218 -12.99 -10.21 -17.26
C PHE B 218 -12.27 -9.35 -16.23
N GLY B 219 -11.19 -9.82 -15.65
CA GLY B 219 -10.46 -9.02 -14.71
C GLY B 219 -11.00 -8.99 -13.31
N HIS B 220 -10.41 -8.16 -12.47
CA HIS B 220 -10.85 -8.06 -11.08
C HIS B 220 -11.56 -6.79 -10.71
N GLY B 221 -11.89 -5.98 -11.68
CA GLY B 221 -12.48 -4.70 -11.37
C GLY B 221 -11.43 -3.74 -10.87
N SER B 222 -11.85 -2.69 -10.19
CA SER B 222 -10.92 -1.76 -9.61
C SER B 222 -11.08 -1.76 -8.14
N LEU B 223 -9.97 -1.90 -7.44
CA LEU B 223 -10.00 -2.13 -6.03
C LEU B 223 -9.14 -1.13 -5.27
N SER B 224 -9.56 -0.77 -4.08
CA SER B 224 -8.75 0.02 -3.18
C SER B 224 -8.63 -0.67 -1.86
N ASP B 225 -7.42 -0.75 -1.36
CA ASP B 225 -7.13 -1.40 -0.13
C ASP B 225 -7.87 -0.76 1.01
N LEU B 226 -8.38 -1.57 1.91
CA LEU B 226 -8.98 -1.07 3.12
C LEU B 226 -8.55 -1.89 4.32
N SER B 227 -8.33 -1.23 5.43
CA SER B 227 -7.98 -1.94 6.63
C SER B 227 -9.16 -2.65 7.21
N SER B 228 -8.89 -3.73 7.89
CA SER B 228 -9.90 -4.46 8.60
C SER B 228 -10.45 -3.67 9.77
N ALA B 229 -9.65 -2.79 10.32
CA ALA B 229 -10.11 -1.92 11.37
C ALA B 229 -11.16 -0.98 10.89
N ALA B 230 -10.91 -0.38 9.75
CA ALA B 230 -11.83 0.52 9.13
C ALA B 230 -13.07 -0.21 8.73
N ALA B 231 -12.93 -1.44 8.30
CA ALA B 231 -14.07 -2.23 7.89
C ALA B 231 -15.03 -2.42 9.04
N ILE B 232 -14.49 -2.66 10.21
CA ILE B 232 -15.32 -2.74 11.38
C ILE B 232 -16.02 -1.42 11.69
N GLU B 233 -15.30 -0.33 11.55
CA GLU B 233 -15.83 0.97 11.80
C GLU B 233 -16.95 1.28 10.85
N ILE B 234 -16.84 0.88 9.60
CA ILE B 234 -17.91 1.12 8.67
C ILE B 234 -19.20 0.40 9.04
N ALA B 235 -19.09 -0.83 9.49
CA ALA B 235 -20.26 -1.56 9.93
C ALA B 235 -20.86 -0.91 11.15
N SER B 236 -20.01 -0.47 12.05
CA SER B 236 -20.45 0.11 13.29
C SER B 236 -21.25 1.35 13.08
N ASN B 237 -20.80 2.22 12.21
CA ASN B 237 -21.50 3.43 11.89
C ASN B 237 -22.81 3.23 11.17
N ALA B 238 -22.79 2.29 10.27
CA ALA B 238 -23.87 2.04 9.36
C ALA B 238 -25.04 1.32 9.95
N THR B 239 -26.14 1.39 9.25
CA THR B 239 -27.32 0.70 9.65
C THR B 239 -27.68 -0.29 8.58
N PRO B 240 -28.14 -1.43 9.03
CA PRO B 240 -28.40 -2.55 8.16
C PRO B 240 -29.50 -2.22 7.22
N ALA B 241 -29.42 -2.80 6.06
CA ALA B 241 -30.38 -2.53 5.03
C ALA B 241 -31.70 -3.07 5.47
N PRO B 242 -32.75 -2.55 4.88
CA PRO B 242 -34.09 -3.03 5.11
C PRO B 242 -34.23 -4.45 4.63
N LEU B 243 -35.01 -5.23 5.37
CA LEU B 243 -35.23 -6.60 5.06
C LEU B 243 -36.05 -6.70 3.81
N PRO B 244 -35.94 -7.80 3.12
CA PRO B 244 -36.68 -7.99 1.88
C PRO B 244 -38.14 -8.12 2.17
N ASP B 245 -39.00 -7.74 1.24
CA ASP B 245 -40.38 -8.09 1.40
C ASP B 245 -40.67 -9.29 0.54
N GLU B 246 -40.56 -10.45 1.14
CA GLU B 246 -40.89 -11.68 0.49
C GLU B 246 -41.65 -12.38 1.56
N THR B 247 -42.65 -13.15 1.20
CA THR B 247 -43.38 -13.89 2.20
C THR B 247 -43.11 -15.34 1.94
N PHE B 248 -42.74 -16.05 2.97
CA PHE B 248 -42.30 -17.38 2.80
C PHE B 248 -42.63 -18.11 4.06
N ILE B 249 -42.96 -19.38 3.98
CA ILE B 249 -43.17 -20.15 5.18
C ILE B 249 -42.04 -21.12 5.32
N ASP B 250 -41.33 -21.07 6.43
CA ASP B 250 -40.19 -21.92 6.60
C ASP B 250 -40.64 -23.33 6.82
N PRO B 251 -40.04 -24.23 6.08
CA PRO B 251 -40.42 -25.62 6.10
C PRO B 251 -40.17 -26.16 7.46
N ASN B 252 -39.35 -25.49 8.24
CA ASN B 252 -39.13 -25.94 9.59
C ASN B 252 -39.75 -25.04 10.60
N GLY B 253 -40.59 -24.14 10.16
CA GLY B 253 -41.32 -23.29 11.06
C GLY B 253 -40.52 -22.23 11.77
N PHE B 254 -39.36 -21.92 11.24
CA PHE B 254 -38.54 -20.86 11.76
C PHE B 254 -39.17 -19.55 11.41
N LYS B 255 -39.18 -18.64 12.34
CA LYS B 255 -39.87 -17.39 12.15
C LYS B 255 -39.04 -16.22 12.62
N ALA B 256 -39.40 -15.05 12.13
CA ALA B 256 -38.71 -13.86 12.51
C ALA B 256 -38.84 -13.71 14.01
N GLY B 257 -37.75 -13.36 14.65
CA GLY B 257 -37.66 -13.26 16.08
C GLY B 257 -37.08 -14.46 16.79
N ASP B 258 -36.99 -15.58 16.11
CA ASP B 258 -36.52 -16.77 16.80
C ASP B 258 -35.05 -16.69 17.11
N LYS B 259 -34.62 -17.16 18.26
CA LYS B 259 -33.21 -17.26 18.52
C LYS B 259 -32.66 -18.45 17.79
N VAL B 260 -31.56 -18.25 17.09
CA VAL B 260 -31.06 -19.23 16.14
C VAL B 260 -29.54 -19.33 16.04
N ALA B 261 -29.05 -20.47 15.60
CA ALA B 261 -27.69 -20.64 15.23
C ALA B 261 -27.60 -21.25 13.84
N ILE B 262 -26.74 -20.70 13.00
CA ILE B 262 -26.54 -21.19 11.66
C ILE B 262 -25.13 -21.63 11.44
N ALA B 263 -24.96 -22.77 10.78
CA ALA B 263 -23.66 -23.30 10.56
C ALA B 263 -23.52 -23.90 9.19
N ALA B 264 -22.32 -23.90 8.68
CA ALA B 264 -22.08 -24.48 7.40
C ALA B 264 -22.07 -25.97 7.55
N VAL B 265 -22.36 -26.68 6.48
CA VAL B 265 -22.46 -28.12 6.53
C VAL B 265 -21.12 -28.84 6.54
N GLU B 270 -17.87 -23.72 14.66
CA GLU B 270 -18.13 -22.34 14.25
C GLU B 270 -19.54 -22.12 13.72
N ALA B 271 -20.50 -22.00 14.61
CA ALA B 271 -21.85 -21.73 14.22
C ALA B 271 -22.12 -20.31 14.64
N VAL B 272 -23.00 -19.63 13.95
CA VAL B 272 -23.22 -18.24 14.24
C VAL B 272 -24.54 -18.05 14.96
N GLU B 273 -24.50 -17.40 16.11
CA GLU B 273 -25.65 -17.25 16.98
C GLU B 273 -26.32 -15.94 16.76
N GLY B 274 -27.63 -15.91 16.74
CA GLY B 274 -28.33 -14.66 16.58
C GLY B 274 -29.83 -14.73 16.48
N GLU B 275 -30.47 -13.61 16.18
CA GLU B 275 -31.90 -13.53 16.08
C GLU B 275 -32.33 -13.52 14.64
N LEU B 276 -33.20 -14.42 14.24
CA LEU B 276 -33.60 -14.45 12.86
C LEU B 276 -34.39 -13.22 12.48
N PHE B 278 -35.10 -12.78 8.92
CA PHE B 278 -35.78 -13.15 7.70
C PHE B 278 -35.57 -14.61 7.28
N THR B 279 -36.58 -15.23 6.67
CA THR B 279 -36.46 -16.54 6.07
C THR B 279 -36.98 -16.41 4.70
N GLY B 280 -36.26 -16.92 3.73
CA GLY B 280 -36.56 -16.69 2.34
C GLY B 280 -36.17 -17.83 1.47
N ARG B 281 -36.61 -17.78 0.23
CA ARG B 281 -36.27 -18.79 -0.74
C ARG B 281 -34.79 -18.84 -1.02
N GLU B 282 -34.12 -17.71 -1.02
CA GLU B 282 -32.70 -17.72 -1.22
C GLU B 282 -31.85 -17.38 -0.03
N GLU B 283 -32.41 -16.79 1.01
CA GLU B 283 -31.56 -16.36 2.09
C GLU B 283 -32.13 -16.38 3.47
N LEU B 284 -31.25 -16.40 4.44
CA LEU B 284 -31.63 -16.29 5.82
C LEU B 284 -30.83 -15.18 6.41
N ILE B 285 -31.45 -14.37 7.24
CA ILE B 285 -30.76 -13.23 7.79
C ILE B 285 -30.76 -13.27 9.28
N LEU B 286 -29.60 -13.16 9.88
CA LEU B 286 -29.61 -13.20 11.30
C LEU B 286 -28.95 -12.01 11.92
N ARG B 287 -29.41 -11.66 13.09
CA ARG B 287 -28.99 -10.43 13.70
C ARG B 287 -28.11 -10.67 14.89
N ARG B 288 -27.03 -9.92 14.97
CA ARG B 288 -26.12 -10.07 16.09
C ARG B 288 -25.50 -8.75 16.49
N GLU B 289 -25.04 -8.66 17.71
CA GLU B 289 -24.40 -7.47 18.18
C GLU B 289 -22.99 -7.77 18.57
N ASP B 290 -22.06 -6.96 18.13
CA ASP B 290 -20.70 -7.23 18.39
C ASP B 290 -20.09 -6.08 19.14
N ASN B 291 -19.16 -6.39 20.03
CA ASN B 291 -18.62 -5.34 20.88
C ASN B 291 -17.86 -4.25 20.16
N ARG B 292 -16.98 -4.59 19.24
CA ARG B 292 -16.53 -3.67 18.24
C ARG B 292 -17.43 -3.28 17.06
N ALA B 293 -18.08 -4.21 16.40
CA ALA B 293 -18.81 -3.87 15.18
C ALA B 293 -20.24 -3.42 15.39
N GLY B 294 -20.72 -3.58 16.60
CA GLY B 294 -22.11 -3.42 16.96
C GLY B 294 -23.12 -4.33 16.33
N VAL B 295 -24.22 -3.76 15.87
CA VAL B 295 -25.29 -4.55 15.33
C VAL B 295 -25.18 -4.75 13.85
N VAL B 296 -25.17 -6.01 13.48
CA VAL B 296 -24.84 -6.41 12.15
C VAL B 296 -25.84 -7.45 11.68
N HIS B 297 -26.05 -7.54 10.40
CA HIS B 297 -26.92 -8.55 9.87
C HIS B 297 -26.09 -9.44 9.01
N VAL B 298 -26.13 -10.73 9.27
CA VAL B 298 -25.36 -11.67 8.50
C VAL B 298 -26.22 -12.52 7.62
N HIS B 299 -25.92 -12.56 6.34
CA HIS B 299 -26.68 -13.32 5.40
C HIS B 299 -26.12 -14.68 5.03
N PHE B 300 -27.01 -15.65 4.99
CA PHE B 300 -26.69 -16.99 4.59
C PHE B 300 -27.67 -17.47 3.57
N PRO B 301 -27.22 -18.24 2.61
CA PRO B 301 -28.09 -18.93 1.70
C PRO B 301 -28.74 -20.11 2.39
N ARG B 302 -29.86 -20.61 1.92
CA ARG B 302 -30.38 -21.83 2.50
C ARG B 302 -29.49 -23.05 2.26
N LEU B 303 -29.00 -23.18 1.05
CA LEU B 303 -28.17 -24.29 0.68
C LEU B 303 -26.80 -24.23 1.27
N GLY B 304 -26.35 -25.34 1.80
CA GLY B 304 -25.06 -25.47 2.42
C GLY B 304 -25.01 -25.06 3.86
N PHE B 305 -26.13 -24.63 4.40
CA PHE B 305 -26.17 -24.16 5.75
C PHE B 305 -27.28 -24.79 6.53
N ARG B 306 -27.06 -25.02 7.81
CA ARG B 306 -28.11 -25.56 8.61
C ARG B 306 -28.49 -24.66 9.74
N VAL B 307 -29.78 -24.57 9.96
CA VAL B 307 -30.33 -23.73 10.98
C VAL B 307 -30.83 -24.55 12.13
N GLU B 308 -30.39 -24.23 13.32
CA GLU B 308 -30.93 -24.87 14.47
C GLU B 308 -31.34 -23.92 15.57
N LYS B 309 -32.38 -24.31 16.29
CA LYS B 309 -33.00 -23.46 17.26
C LYS B 309 -32.18 -23.36 18.51
N ARG B 310 -32.36 -22.27 19.23
CA ARG B 310 -31.87 -22.17 20.58
C ARG B 310 -32.36 -20.93 21.30
N SER C 2 18.06 4.16 -18.17
CA SER C 2 18.08 5.20 -17.15
C SER C 2 17.03 5.04 -16.07
N GLU C 3 17.50 4.99 -14.82
CA GLU C 3 16.66 4.87 -13.66
C GLU C 3 16.02 6.16 -13.24
N LEU C 4 14.93 6.06 -12.52
CA LEU C 4 14.23 7.19 -12.01
C LEU C 4 14.75 7.41 -10.63
N ILE C 5 15.28 8.57 -10.37
CA ILE C 5 15.81 8.89 -9.06
C ILE C 5 15.15 10.12 -8.47
N LEU C 6 14.57 9.96 -7.29
CA LEU C 6 13.97 11.08 -6.62
C LEU C 6 14.71 11.43 -5.36
N HIS C 7 15.12 12.68 -5.25
CA HIS C 7 15.79 13.20 -4.08
C HIS C 7 14.77 13.97 -3.28
N HIS C 8 14.55 13.57 -2.05
CA HIS C 8 13.49 14.12 -1.29
C HIS C 8 13.75 14.01 0.19
N TYR C 9 13.02 14.79 0.97
CA TYR C 9 12.95 14.63 2.40
C TYR C 9 11.82 13.65 2.66
N PRO C 10 12.13 12.54 3.25
CA PRO C 10 11.16 11.48 3.48
C PRO C 10 10.00 11.86 4.39
N THR C 11 10.25 12.67 5.39
CA THR C 11 9.19 13.13 6.27
C THR C 11 8.43 14.34 5.80
N SER C 12 8.87 15.01 4.77
CA SER C 12 8.18 16.20 4.39
C SER C 12 6.83 15.93 3.78
N LEU C 13 5.83 16.60 4.34
CA LEU C 13 4.48 16.56 3.88
C LEU C 13 4.35 17.11 2.47
N PHE C 14 5.13 18.12 2.15
CA PHE C 14 5.17 18.59 0.79
C PHE C 14 5.73 17.61 -0.23
N ALA C 15 6.64 16.77 0.22
CA ALA C 15 7.30 15.85 -0.68
C ALA C 15 6.43 14.69 -1.09
N GLU C 16 5.32 14.52 -0.40
CA GLU C 16 4.41 13.43 -0.66
C GLU C 16 3.76 13.44 -2.00
N LYS C 17 3.55 14.61 -2.57
CA LYS C 17 2.94 14.67 -3.88
C LYS C 17 3.80 14.01 -4.94
N ALA C 18 5.08 14.26 -4.91
CA ALA C 18 5.98 13.61 -5.84
C ALA C 18 5.99 12.13 -5.61
N ARG C 19 5.93 11.73 -4.37
CA ARG C 19 5.94 10.34 -4.07
C ARG C 19 4.71 9.65 -4.61
N LEU C 20 3.56 10.29 -4.46
CA LEU C 20 2.32 9.78 -4.97
C LEU C 20 2.31 9.70 -6.49
N LEU C 22 4.73 9.17 -8.46
CA LEU C 22 5.53 8.06 -8.88
C LEU C 22 4.76 6.76 -8.79
N GLY C 23 4.00 6.63 -7.74
CA GLY C 23 3.17 5.48 -7.51
C GLY C 23 2.09 5.28 -8.52
N PHE C 24 1.47 6.35 -8.97
CA PHE C 24 0.43 6.28 -9.95
C PHE C 24 1.01 5.74 -11.26
N LYS C 25 2.16 6.25 -11.65
CA LYS C 25 2.89 5.84 -12.84
C LYS C 25 3.34 4.40 -12.81
N GLY C 26 3.66 3.92 -11.63
CA GLY C 26 3.96 2.53 -11.41
C GLY C 26 5.27 2.09 -11.95
N VAL C 27 6.16 3.03 -12.11
CA VAL C 27 7.45 2.77 -12.64
C VAL C 27 8.36 2.85 -11.46
N ASN C 28 9.14 1.82 -11.24
CA ASN C 28 9.93 1.70 -10.04
C ASN C 28 11.01 2.75 -9.96
N TRP C 29 11.31 3.20 -8.76
CA TRP C 29 12.21 4.31 -8.59
C TRP C 29 13.24 4.18 -7.50
N ARG C 30 14.24 5.03 -7.53
CA ARG C 30 15.30 5.02 -6.56
C ARG C 30 15.13 6.18 -5.63
N SER C 31 15.32 5.95 -4.35
CA SER C 31 15.08 6.97 -3.36
C SER C 31 16.32 7.51 -2.67
N VAL C 32 16.67 8.75 -2.94
CA VAL C 32 17.78 9.37 -2.25
C VAL C 32 17.32 10.34 -1.19
N THR C 33 17.67 10.04 0.05
CA THR C 33 17.27 10.87 1.14
C THR C 33 18.11 12.10 1.26
N ILE C 34 17.46 13.21 1.54
CA ILE C 34 18.14 14.47 1.75
C ILE C 34 18.28 14.69 3.23
N PRO C 35 19.48 14.97 3.67
CA PRO C 35 19.73 15.26 5.07
C PRO C 35 19.07 16.54 5.52
N SER C 36 18.50 16.49 6.71
CA SER C 36 17.89 17.64 7.36
C SER C 36 18.89 18.74 7.69
N ILE C 37 20.16 18.37 7.83
CA ILE C 37 21.27 19.31 7.94
C ILE C 37 21.67 20.06 6.65
N PRO C 39 25.39 21.88 5.26
CA PRO C 39 25.27 21.71 3.83
C PRO C 39 24.77 20.37 3.31
N LYS C 40 24.30 20.45 2.08
CA LYS C 40 23.88 19.31 1.33
C LYS C 40 24.64 19.42 0.06
N PRO C 41 25.92 19.13 0.18
CA PRO C 41 26.86 19.22 -0.91
C PRO C 41 26.48 18.29 -2.04
N ASP C 42 25.97 17.11 -1.71
CA ASP C 42 25.53 16.18 -2.73
C ASP C 42 24.35 16.61 -3.59
N LEU C 43 23.30 17.13 -3.02
CA LEU C 43 22.23 17.64 -3.85
C LEU C 43 22.66 18.83 -4.67
N THR C 44 23.40 19.71 -4.05
CA THR C 44 23.72 20.98 -4.66
C THR C 44 24.56 20.76 -5.90
N ALA C 45 25.34 19.69 -5.84
CA ALA C 45 26.23 19.34 -6.91
C ALA C 45 25.45 19.10 -8.16
N LEU C 46 24.33 18.40 -8.06
CA LEU C 46 23.43 18.26 -9.17
C LEU C 46 22.66 19.47 -9.62
N THR C 47 22.04 20.18 -8.68
CA THR C 47 21.23 21.31 -9.05
C THR C 47 21.90 22.64 -9.08
N GLY C 48 23.10 22.76 -8.57
CA GLY C 48 23.71 24.08 -8.56
C GLY C 48 23.16 24.97 -7.48
N GLY C 49 22.57 24.35 -6.49
CA GLY C 49 21.99 25.03 -5.37
C GLY C 49 20.49 25.24 -5.33
N TYR C 50 19.78 25.20 -6.44
CA TYR C 50 18.39 25.42 -6.25
C TYR C 50 18.20 24.32 -5.28
N ARG C 51 17.76 24.64 -4.07
CA ARG C 51 17.49 23.60 -3.09
C ARG C 51 16.05 23.22 -2.91
N LYS C 52 15.14 23.91 -3.56
CA LYS C 52 13.75 23.50 -3.40
C LYS C 52 13.67 22.07 -3.90
N THR C 53 12.94 21.23 -3.22
CA THR C 53 12.89 19.82 -3.52
C THR C 53 11.46 19.45 -3.48
N PRO C 54 11.08 18.27 -3.91
CA PRO C 54 11.96 17.21 -4.36
C PRO C 54 12.47 17.35 -5.76
N VAL C 55 13.47 16.56 -6.10
CA VAL C 55 14.11 16.63 -7.40
C VAL C 55 14.14 15.27 -8.06
N LEU C 56 13.91 15.26 -9.36
CA LEU C 56 13.94 14.06 -10.15
C LEU C 56 15.21 14.02 -10.98
N GLN C 57 15.97 12.95 -10.84
CA GLN C 57 17.16 12.79 -11.62
C GLN C 57 17.08 11.56 -12.49
N ILE C 58 17.36 11.72 -13.75
CA ILE C 58 17.55 10.62 -14.65
C ILE C 58 18.87 10.81 -15.37
N GLY C 59 19.87 10.05 -14.99
CA GLY C 59 21.19 10.26 -15.55
C GLY C 59 21.75 11.61 -15.22
N ALA C 60 22.04 12.37 -16.25
CA ALA C 60 22.62 13.68 -16.09
C ALA C 60 21.59 14.76 -16.32
N ASP C 61 20.32 14.41 -16.25
CA ASP C 61 19.28 15.37 -16.41
C ASP C 61 18.55 15.54 -15.10
N ILE C 62 18.44 16.77 -14.65
CA ILE C 62 17.82 17.02 -13.38
C ILE C 62 16.57 17.86 -13.55
N TYR C 63 15.46 17.36 -13.03
CA TYR C 63 14.22 18.05 -13.19
C TYR C 63 13.76 18.64 -11.88
N CYS C 64 13.43 19.92 -11.92
CA CYS C 64 12.96 20.63 -10.76
C CYS C 64 11.53 21.07 -10.98
N ASP C 65 10.73 21.02 -9.93
CA ASP C 65 9.37 21.47 -9.96
C ASP C 65 8.56 20.26 -10.19
N THR C 66 7.59 20.05 -9.35
CA THR C 66 6.73 18.91 -9.40
C THR C 66 5.89 18.84 -10.66
N ALA C 67 5.41 19.95 -11.15
CA ALA C 67 4.62 19.95 -12.34
C ALA C 67 5.40 19.52 -13.57
N LEU C 68 6.63 19.94 -13.65
CA LEU C 68 7.50 19.48 -14.69
C LEU C 68 7.76 17.99 -14.62
N ALA C 70 5.86 15.69 -13.71
CA ALA C 70 4.77 14.92 -14.19
C ALA C 70 4.87 14.75 -15.67
N ARG C 71 5.22 15.80 -16.38
CA ARG C 71 5.37 15.73 -17.81
C ARG C 71 6.51 14.86 -18.30
N ARG C 72 7.59 14.88 -17.57
CA ARG C 72 8.69 14.00 -17.83
C ARG C 72 8.34 12.55 -17.62
N LEU C 73 7.60 12.27 -16.57
CA LEU C 73 7.11 10.95 -16.29
C LEU C 73 6.17 10.49 -17.36
N GLU C 74 5.40 11.42 -17.87
CA GLU C 74 4.45 11.14 -18.90
C GLU C 74 5.18 10.67 -20.15
N GLN C 75 6.28 11.30 -20.46
CA GLN C 75 7.13 10.89 -21.53
C GLN C 75 7.81 9.54 -21.32
N GLU C 76 8.19 9.25 -20.10
CA GLU C 76 8.77 7.97 -19.78
C GLU C 76 7.89 6.75 -19.92
N LYS C 77 6.71 6.79 -19.33
CA LYS C 77 5.67 5.80 -19.56
C LYS C 77 4.33 6.48 -19.81
N ALA C 78 3.72 6.26 -20.95
CA ALA C 78 2.51 6.98 -21.25
C ALA C 78 1.27 6.73 -20.41
N SER C 79 1.04 5.49 -20.03
CA SER C 79 -0.18 5.14 -19.37
C SER C 79 0.12 4.57 -18.00
N PRO C 80 -0.68 4.83 -17.00
CA PRO C 80 -1.82 5.73 -17.06
C PRO C 80 -1.43 7.18 -17.13
N ALA C 81 -2.14 7.96 -17.92
CA ALA C 81 -1.82 9.35 -18.15
C ALA C 81 -2.10 10.33 -17.01
N PHE C 82 -1.15 11.21 -16.78
CA PHE C 82 -1.34 12.41 -16.00
C PHE C 82 -2.26 13.39 -16.70
N TYR C 83 -2.17 13.47 -18.02
CA TYR C 83 -2.99 14.40 -18.77
C TYR C 83 -3.81 13.70 -19.81
N PRO C 84 -4.99 13.29 -19.46
CA PRO C 84 -5.79 12.52 -20.37
C PRO C 84 -6.13 13.30 -21.61
N GLN C 85 -6.14 12.61 -22.73
CA GLN C 85 -6.33 13.19 -24.02
C GLN C 85 -7.66 13.89 -24.08
N GLY C 86 -7.59 15.12 -24.56
CA GLY C 86 -8.75 15.97 -24.68
C GLY C 86 -9.12 16.72 -23.44
N GLN C 87 -8.39 16.52 -22.37
CA GLN C 87 -8.66 17.21 -21.14
C GLN C 87 -7.43 17.94 -20.65
N GLU C 88 -6.43 18.10 -21.48
CA GLU C 88 -5.13 18.48 -21.00
C GLU C 88 -5.03 19.84 -20.35
N PHE C 89 -5.61 20.84 -20.97
CA PHE C 89 -5.60 22.16 -20.42
C PHE C 89 -6.42 22.24 -19.14
N ALA C 90 -7.59 21.65 -19.15
CA ALA C 90 -8.46 21.71 -18.01
C ALA C 90 -7.82 21.05 -16.82
N VAL C 91 -7.16 19.95 -17.06
CA VAL C 91 -6.40 19.27 -16.03
C VAL C 91 -5.20 20.05 -15.52
N ALA C 92 -4.43 20.65 -16.40
CA ALA C 92 -3.29 21.39 -15.96
C ALA C 92 -3.68 22.59 -15.12
N GLY C 93 -4.72 23.27 -15.54
CA GLY C 93 -5.25 24.38 -14.82
C GLY C 93 -5.83 24.11 -13.46
N LEU C 94 -6.61 23.07 -13.34
CA LEU C 94 -7.11 22.69 -12.05
C LEU C 94 -6.02 22.32 -11.12
N ALA C 95 -5.04 21.62 -11.62
CA ALA C 95 -3.92 21.23 -10.81
C ALA C 95 -3.15 22.42 -10.31
N ALA C 96 -2.91 23.39 -11.16
CA ALA C 96 -2.21 24.59 -10.78
C ALA C 96 -2.98 25.37 -9.76
N TRP C 97 -4.27 25.41 -9.92
CA TRP C 97 -5.12 26.03 -8.94
C TRP C 97 -5.06 25.33 -7.60
N ALA C 98 -5.05 24.02 -7.58
CA ALA C 98 -4.93 23.27 -6.37
C ALA C 98 -3.60 23.46 -5.71
N ASP C 99 -2.56 23.50 -6.52
CA ASP C 99 -1.22 23.69 -6.05
C ASP C 99 -1.07 25.02 -5.38
N SER C 100 -1.77 26.01 -5.87
CA SER C 100 -1.62 27.30 -5.27
C SER C 100 -2.69 27.61 -4.26
N VAL C 101 -3.89 27.91 -4.66
CA VAL C 101 -4.89 28.33 -3.72
C VAL C 101 -5.26 27.34 -2.64
N LEU C 102 -5.60 26.13 -3.01
CA LEU C 102 -5.96 25.12 -2.05
C LEU C 102 -4.86 24.66 -1.12
N PHE C 103 -3.69 24.41 -1.65
CA PHE C 103 -2.59 23.98 -0.86
C PHE C 103 -2.13 25.01 0.14
N LEU C 104 -2.11 26.26 -0.29
CA LEU C 104 -1.75 27.37 0.56
C LEU C 104 -2.74 27.56 1.71
N HIS C 105 -4.01 27.31 1.45
CA HIS C 105 -5.00 27.34 2.49
C HIS C 105 -4.69 26.27 3.52
N ALA C 106 -4.37 25.07 3.07
CA ALA C 106 -4.05 24.00 3.99
C ALA C 106 -2.80 24.21 4.80
N VAL C 107 -1.77 24.74 4.21
CA VAL C 107 -0.59 25.02 4.99
C VAL C 107 -0.84 26.07 6.04
N SER C 108 -1.69 27.02 5.74
CA SER C 108 -2.02 28.04 6.69
C SER C 108 -2.72 27.46 7.88
N LEU C 109 -3.65 26.56 7.65
CA LEU C 109 -4.35 25.98 8.75
C LEU C 109 -3.42 25.17 9.58
N VAL C 110 -2.57 24.39 8.96
CA VAL C 110 -1.74 23.49 9.70
C VAL C 110 -0.67 24.17 10.53
N PHE C 111 0.00 25.17 9.98
CA PHE C 111 1.12 25.80 10.65
C PHE C 111 0.86 27.19 11.20
N GLN C 112 -0.38 27.64 11.27
CA GLN C 112 -0.60 29.00 11.74
C GLN C 112 -1.96 29.20 12.34
N PRO C 148 -3.74 34.54 6.49
CA PRO C 148 -5.01 35.04 7.01
C PRO C 148 -5.91 33.90 7.35
N VAL C 149 -5.70 33.30 8.51
CA VAL C 149 -6.31 32.07 8.89
C VAL C 149 -7.79 32.19 8.94
N GLU C 150 -8.25 33.33 9.38
CA GLU C 150 -9.65 33.57 9.46
C GLU C 150 -10.22 33.55 8.06
N GLN C 151 -9.57 34.23 7.15
CA GLN C 151 -10.02 34.25 5.79
C GLN C 151 -9.91 32.86 5.24
N VAL C 152 -8.88 32.14 5.62
CA VAL C 152 -8.73 30.80 5.12
C VAL C 152 -9.87 29.93 5.59
N LYS C 153 -10.14 29.97 6.86
CA LYS C 153 -11.23 29.17 7.41
C LYS C 153 -12.56 29.61 6.86
N HIS C 154 -12.72 30.89 6.67
CA HIS C 154 -13.94 31.43 6.14
C HIS C 154 -14.19 30.89 4.75
N GLN C 155 -13.16 30.88 3.93
CA GLN C 155 -13.15 30.34 2.59
C GLN C 155 -13.29 28.86 2.34
N TRP C 156 -12.75 28.02 3.21
CA TRP C 156 -12.50 26.61 2.96
C TRP C 156 -13.74 25.79 2.64
N PRO C 157 -14.83 26.09 3.31
CA PRO C 157 -16.06 25.37 3.12
C PRO C 157 -16.58 25.50 1.72
N THR C 158 -16.32 26.60 1.06
CA THR C 158 -16.76 26.76 -0.29
C THR C 158 -16.11 25.74 -1.18
N PHE C 159 -14.81 25.55 -1.03
CA PHE C 159 -14.10 24.61 -1.83
C PHE C 159 -14.59 23.21 -1.58
N SER C 161 -17.49 21.98 -0.15
CA SER C 161 -18.82 21.69 -0.58
C SER C 161 -18.91 21.52 -2.08
N ARG C 162 -18.16 22.30 -2.83
CA ARG C 162 -18.14 22.18 -4.25
C ARG C 162 -17.59 20.83 -4.67
N LEU C 163 -16.55 20.41 -3.99
CA LEU C 163 -16.00 19.09 -4.18
C LEU C 163 -16.97 17.96 -3.80
N GLU C 164 -17.69 18.12 -2.70
CA GLU C 164 -18.67 17.13 -2.34
C GLU C 164 -19.69 17.04 -3.44
N SER C 165 -20.12 18.16 -3.96
CA SER C 165 -21.16 18.15 -4.94
C SER C 165 -20.76 17.40 -6.18
N GLN C 166 -19.58 17.64 -6.69
CA GLN C 166 -19.16 16.92 -7.85
C GLN C 166 -19.01 15.43 -7.54
N LEU C 167 -18.49 15.13 -6.37
CA LEU C 167 -18.26 13.76 -5.95
C LEU C 167 -19.52 12.92 -5.75
N SER C 168 -20.62 13.54 -5.40
CA SER C 168 -21.87 12.86 -5.16
C SER C 168 -22.41 12.18 -6.39
N HIS C 169 -21.94 12.59 -7.54
CA HIS C 169 -22.33 11.98 -8.77
C HIS C 169 -21.72 10.63 -9.01
N GLY C 170 -20.75 10.27 -8.19
CA GLY C 170 -20.13 8.96 -8.24
C GLY C 170 -19.10 8.69 -9.29
N GLY C 171 -18.55 9.72 -9.88
CA GLY C 171 -17.46 9.55 -10.82
C GLY C 171 -16.21 9.08 -10.12
N ASP C 172 -15.40 8.30 -10.81
CA ASP C 172 -14.22 7.75 -10.22
C ASP C 172 -13.18 8.76 -9.81
N PHE C 173 -12.91 9.71 -10.69
CA PHE C 173 -11.90 10.69 -10.48
C PHE C 173 -12.42 12.01 -10.94
N LEU C 174 -11.65 13.06 -10.76
CA LEU C 174 -12.10 14.41 -11.03
C LEU C 174 -12.45 14.72 -12.48
N PHE C 175 -11.71 14.16 -13.41
CA PHE C 175 -11.99 14.25 -14.81
C PHE C 175 -12.47 12.95 -15.36
N GLY C 176 -12.89 12.05 -14.51
CA GLY C 176 -13.37 10.79 -14.96
C GLY C 176 -12.28 9.77 -14.82
N ALA C 177 -11.45 9.75 -15.84
CA ALA C 177 -10.19 9.10 -15.80
C ALA C 177 -9.30 9.89 -14.88
N PRO C 178 -8.38 9.20 -14.24
CA PRO C 178 -7.48 9.77 -13.27
C PRO C 178 -6.51 10.72 -13.90
N SER C 179 -6.09 11.72 -13.17
CA SER C 179 -5.25 12.76 -13.67
C SER C 179 -4.38 13.39 -12.61
N ILE C 180 -3.48 14.26 -13.04
CA ILE C 180 -2.56 14.97 -12.20
C ILE C 180 -3.30 15.84 -11.22
N ALA C 181 -4.45 16.31 -11.62
CA ALA C 181 -5.28 17.13 -10.82
C ALA C 181 -5.77 16.40 -9.58
N ASP C 182 -6.04 15.11 -9.69
CA ASP C 182 -6.50 14.34 -8.56
C ASP C 182 -5.49 14.32 -7.44
N PHE C 183 -4.23 14.15 -7.79
CA PHE C 183 -3.15 14.19 -6.83
C PHE C 183 -2.92 15.51 -6.18
N SER C 184 -3.03 16.58 -6.94
CA SER C 184 -2.83 17.89 -6.39
C SER C 184 -3.84 18.23 -5.33
N VAL C 185 -5.10 17.98 -5.62
CA VAL C 185 -6.16 18.09 -4.65
C VAL C 185 -6.11 17.10 -3.50
N ALA C 186 -5.90 15.84 -3.81
CA ALA C 186 -5.83 14.79 -2.83
C ALA C 186 -4.68 15.05 -1.89
N HIS C 187 -3.61 15.56 -2.42
CA HIS C 187 -2.47 15.84 -1.63
C HIS C 187 -2.72 16.87 -0.55
N THR C 188 -3.44 17.93 -0.86
CA THR C 188 -3.73 18.91 0.16
C THR C 188 -4.60 18.39 1.26
N LEU C 189 -5.58 17.56 0.95
CA LEU C 189 -6.37 16.87 1.95
C LEU C 189 -5.61 15.87 2.82
N TRP C 190 -4.70 15.12 2.24
CA TRP C 190 -3.90 14.19 3.00
C TRP C 190 -3.08 14.98 3.99
N PHE C 191 -2.64 16.12 3.57
CA PHE C 191 -1.81 17.00 4.34
C PHE C 191 -2.55 17.44 5.58
N LEU C 192 -3.81 17.77 5.42
CA LEU C 192 -4.63 18.23 6.49
C LEU C 192 -4.80 17.18 7.56
N LYS C 193 -4.81 15.94 7.15
CA LYS C 193 -5.11 14.83 8.02
C LYS C 193 -3.89 14.29 8.76
N GLN C 194 -2.74 14.89 8.49
CA GLN C 194 -1.50 14.48 9.11
C GLN C 194 -1.38 14.90 10.55
N THR C 195 -2.19 15.85 10.95
CA THR C 195 -2.30 16.20 12.33
C THR C 195 -3.73 16.19 12.72
N PRO C 196 -3.99 15.73 13.91
CA PRO C 196 -5.33 15.45 14.39
C PRO C 196 -6.18 16.69 14.45
N VAL C 197 -5.63 17.79 14.87
CA VAL C 197 -6.44 18.98 15.00
C VAL C 197 -6.98 19.47 13.67
N THR C 198 -6.20 19.36 12.60
CA THR C 198 -6.63 19.83 11.30
C THR C 198 -7.46 18.86 10.46
N ALA C 199 -7.59 17.63 10.89
CA ALA C 199 -8.28 16.59 10.14
C ALA C 199 -9.77 16.80 9.90
N PRO C 200 -10.41 17.54 10.78
CA PRO C 200 -11.83 17.81 10.67
C PRO C 200 -12.18 18.59 9.43
N PHE C 201 -11.23 19.34 8.92
CA PHE C 201 -11.43 20.06 7.71
C PHE C 201 -11.65 19.17 6.54
N VAL C 202 -10.98 18.05 6.48
CA VAL C 202 -11.36 16.99 5.58
C VAL C 202 -12.58 16.19 5.98
N ASP C 203 -12.60 15.84 7.26
CA ASP C 203 -13.56 14.92 7.86
C ASP C 203 -14.98 15.41 7.86
N ASP C 204 -15.13 16.71 8.02
CA ASP C 204 -16.41 17.36 8.06
C ASP C 204 -17.16 17.23 6.76
N TYR C 205 -16.48 16.91 5.68
CA TYR C 205 -17.16 16.62 4.45
C TYR C 205 -16.88 15.20 4.05
N PRO C 206 -17.71 14.33 4.54
CA PRO C 206 -17.61 12.88 4.43
C PRO C 206 -17.72 12.28 3.04
N SER C 207 -18.40 12.95 2.13
CA SER C 207 -18.57 12.39 0.81
C SER C 207 -17.27 12.23 0.03
N VAL C 208 -16.28 13.05 0.34
CA VAL C 208 -14.99 13.05 -0.32
C VAL C 208 -14.09 11.86 -0.05
N SER C 209 -14.36 11.12 1.00
CA SER C 209 -13.51 10.04 1.45
C SER C 209 -13.35 8.88 0.49
N VAL C 210 -14.41 8.49 -0.17
CA VAL C 210 -14.33 7.43 -1.11
C VAL C 210 -13.39 7.77 -2.26
N TRP C 211 -13.53 8.94 -2.85
CA TRP C 211 -12.61 9.38 -3.88
C TRP C 211 -11.21 9.52 -3.31
N LEU C 212 -11.11 10.05 -2.11
CA LEU C 212 -9.84 10.25 -1.50
C LEU C 212 -9.04 8.96 -1.24
N ASP C 213 -9.72 7.94 -0.75
CA ASP C 213 -9.08 6.68 -0.49
C ASP C 213 -8.56 6.15 -1.78
N ARG C 214 -9.35 6.29 -2.81
CA ARG C 214 -8.98 5.79 -4.09
C ARG C 214 -7.74 6.45 -4.71
N VAL C 215 -7.60 7.76 -4.61
CA VAL C 215 -6.42 8.44 -5.12
C VAL C 215 -5.19 8.07 -4.33
N LEU C 216 -5.36 8.04 -3.03
CA LEU C 216 -4.31 7.72 -2.10
C LEU C 216 -3.94 6.25 -2.18
N GLY C 217 -4.82 5.49 -2.79
CA GLY C 217 -4.70 4.07 -2.98
C GLY C 217 -3.58 3.65 -3.87
N PHE C 218 -3.17 4.53 -4.74
CA PHE C 218 -2.08 4.25 -5.63
C PHE C 218 -0.75 4.02 -4.94
N GLY C 219 -0.52 4.70 -3.83
CA GLY C 219 0.69 4.51 -3.06
C GLY C 219 1.95 5.15 -3.59
N HIS C 220 3.09 4.65 -3.15
CA HIS C 220 4.38 5.15 -3.60
C HIS C 220 5.06 4.33 -4.66
N GLY C 221 4.55 3.16 -4.93
CA GLY C 221 5.17 2.33 -5.91
C GLY C 221 6.32 1.59 -5.32
N SER C 222 7.23 1.17 -6.17
CA SER C 222 8.36 0.42 -5.72
C SER C 222 9.57 1.31 -5.68
N LEU C 223 10.13 1.45 -4.49
CA LEU C 223 11.28 2.28 -4.28
C LEU C 223 12.38 1.57 -3.54
N SER C 224 13.60 1.86 -3.89
CA SER C 224 14.70 1.35 -3.13
C SER C 224 15.74 2.43 -2.97
N ASP C 225 16.40 2.44 -1.82
CA ASP C 225 17.31 3.48 -1.45
C ASP C 225 18.51 3.57 -2.35
N LEU C 226 18.95 4.79 -2.59
CA LEU C 226 20.17 5.06 -3.26
C LEU C 226 20.89 6.15 -2.48
N SER C 227 22.18 6.02 -2.31
CA SER C 227 22.99 7.00 -1.64
C SER C 227 23.19 8.23 -2.49
N SER C 228 23.36 9.40 -1.89
CA SER C 228 23.66 10.61 -2.67
C SER C 228 24.96 10.51 -3.42
N ALA C 229 25.93 9.86 -2.82
CA ALA C 229 27.20 9.63 -3.47
C ALA C 229 27.02 8.82 -4.72
N ALA C 230 26.26 7.75 -4.61
CA ALA C 230 25.96 6.93 -5.75
C ALA C 230 25.21 7.68 -6.84
N ALA C 231 24.34 8.58 -6.46
CA ALA C 231 23.62 9.38 -7.44
C ALA C 231 24.48 10.30 -8.26
N ILE C 232 25.47 10.88 -7.62
CA ILE C 232 26.38 11.79 -8.26
C ILE C 232 27.20 11.08 -9.32
N GLU C 233 27.63 9.88 -8.97
CA GLU C 233 28.36 9.03 -9.86
C GLU C 233 27.51 8.66 -11.05
N ILE C 234 26.22 8.41 -10.85
CA ILE C 234 25.35 8.09 -11.94
C ILE C 234 25.29 9.23 -12.91
N ALA C 235 25.22 10.45 -12.41
CA ALA C 235 25.26 11.62 -13.25
C ALA C 235 26.60 11.85 -13.95
N SER C 236 27.67 11.61 -13.23
CA SER C 236 28.98 11.87 -13.77
C SER C 236 29.25 11.00 -14.95
N ASN C 237 28.89 9.75 -14.80
CA ASN C 237 28.97 8.73 -15.82
C ASN C 237 28.07 8.89 -17.03
N ALA C 238 26.93 9.51 -16.85
CA ALA C 238 25.98 9.68 -17.92
C ALA C 238 26.21 10.91 -18.76
N THR C 239 25.52 11.00 -19.87
CA THR C 239 25.56 12.17 -20.67
C THR C 239 24.13 12.62 -20.88
N PRO C 240 23.90 13.90 -20.95
CA PRO C 240 22.57 14.42 -20.95
C PRO C 240 21.82 13.94 -22.14
N ALA C 241 20.54 13.82 -21.95
CA ALA C 241 19.71 13.27 -22.95
C ALA C 241 19.65 14.25 -24.06
N PRO C 242 19.22 13.76 -25.20
CA PRO C 242 19.13 14.57 -26.38
C PRO C 242 18.14 15.65 -26.13
N LEU C 243 18.40 16.80 -26.69
CA LEU C 243 17.52 17.91 -26.55
C LEU C 243 16.27 17.63 -27.35
N PRO C 244 15.20 18.29 -26.96
CA PRO C 244 13.90 18.15 -27.58
C PRO C 244 13.85 18.70 -28.96
N ASP C 245 13.11 18.06 -29.83
CA ASP C 245 12.97 18.53 -31.19
C ASP C 245 11.86 19.56 -31.29
N GLU C 246 12.11 20.75 -30.80
CA GLU C 246 11.10 21.77 -30.81
C GLU C 246 11.67 23.04 -31.34
N THR C 247 10.98 23.72 -32.24
CA THR C 247 11.40 25.04 -32.62
C THR C 247 10.47 26.01 -31.93
N PHE C 248 11.06 26.98 -31.28
CA PHE C 248 10.30 27.91 -30.52
C PHE C 248 10.95 29.25 -30.57
N ILE C 249 10.17 30.31 -30.64
CA ILE C 249 10.76 31.62 -30.46
C ILE C 249 10.52 32.11 -29.07
N ASP C 250 11.60 32.26 -28.31
CA ASP C 250 11.52 32.76 -26.98
C ASP C 250 11.06 34.18 -27.03
N PRO C 251 10.10 34.50 -26.20
CA PRO C 251 9.45 35.78 -26.17
C PRO C 251 10.35 36.90 -25.77
N ASN C 252 11.33 36.63 -24.93
CA ASN C 252 12.26 37.63 -24.50
C ASN C 252 13.59 37.51 -25.18
N GLY C 253 13.61 36.69 -26.23
CA GLY C 253 14.77 36.55 -27.07
C GLY C 253 15.91 35.67 -26.64
N PHE C 254 15.75 34.86 -25.61
CA PHE C 254 16.85 34.03 -25.18
C PHE C 254 17.10 32.97 -26.20
N LYS C 255 18.33 32.53 -26.31
CA LYS C 255 18.72 31.65 -27.38
C LYS C 255 19.61 30.56 -26.86
N ALA C 256 19.60 29.43 -27.52
CA ALA C 256 20.51 28.39 -27.11
C ALA C 256 21.89 28.95 -27.30
N GLY C 257 22.76 28.65 -26.35
CA GLY C 257 24.10 29.16 -26.31
C GLY C 257 24.23 30.39 -25.48
N ASP C 258 23.11 30.96 -25.09
CA ASP C 258 23.14 32.11 -24.22
C ASP C 258 23.62 31.71 -22.85
N LYS C 259 24.29 32.62 -22.17
CA LYS C 259 24.73 32.34 -20.83
C LYS C 259 23.88 33.11 -19.87
N VAL C 260 23.32 32.38 -18.93
CA VAL C 260 22.21 32.86 -18.14
C VAL C 260 22.25 32.37 -16.74
N ALA C 261 21.38 32.93 -15.93
CA ALA C 261 21.10 32.41 -14.63
C ALA C 261 19.61 32.26 -14.53
N ILE C 262 19.17 31.19 -13.90
CA ILE C 262 17.75 30.92 -13.74
C ILE C 262 17.36 30.84 -12.28
N ALA C 263 16.35 31.59 -11.92
CA ALA C 263 15.91 31.65 -10.53
C ALA C 263 14.41 31.53 -10.36
N ALA C 264 14.01 31.09 -9.18
CA ALA C 264 12.63 31.08 -8.78
C ALA C 264 12.11 32.47 -8.65
N VAL C 265 10.83 32.63 -8.91
CA VAL C 265 10.24 33.95 -9.00
C VAL C 265 10.21 34.71 -7.68
N ASP C 266 9.98 34.02 -6.58
CA ASP C 266 10.07 34.67 -5.30
C ASP C 266 11.34 34.21 -4.60
N TYR C 267 12.49 34.62 -5.12
CA TYR C 267 13.80 34.33 -4.57
C TYR C 267 14.91 34.91 -5.45
N GLU C 270 19.77 33.00 -5.12
CA GLU C 270 19.81 31.56 -5.25
C GLU C 270 19.53 31.15 -6.68
N ALA C 271 20.30 31.68 -7.59
CA ALA C 271 20.10 31.37 -8.98
C ALA C 271 21.22 30.50 -9.45
N VAL C 272 20.87 29.40 -10.07
CA VAL C 272 21.84 28.59 -10.72
C VAL C 272 22.19 29.21 -12.05
N GLU C 273 23.46 29.10 -12.41
CA GLU C 273 24.05 29.77 -13.54
C GLU C 273 24.53 28.76 -14.57
N GLY C 274 24.40 29.06 -15.84
CA GLY C 274 24.81 28.11 -16.83
C GLY C 274 24.63 28.52 -18.26
N GLU C 275 24.67 27.53 -19.14
CA GLU C 275 24.42 27.76 -20.54
C GLU C 275 23.04 27.30 -20.90
N LEU C 276 22.30 28.13 -21.58
CA LEU C 276 20.95 27.79 -21.90
C LEU C 276 20.96 26.95 -23.13
N PHE C 278 18.22 24.88 -24.19
CA PHE C 278 16.96 24.80 -24.89
C PHE C 278 15.96 25.76 -24.32
N THR C 279 15.19 26.38 -25.19
CA THR C 279 14.05 27.13 -24.78
C THR C 279 12.84 26.63 -25.51
N GLY C 280 11.82 26.29 -24.76
CA GLY C 280 10.70 25.57 -25.27
C GLY C 280 9.47 26.01 -24.56
N ARG C 281 8.34 25.56 -25.04
CA ARG C 281 7.04 25.91 -24.53
C ARG C 281 6.77 25.49 -23.10
N GLU C 282 7.33 24.37 -22.70
CA GLU C 282 7.21 23.91 -21.35
C GLU C 282 8.50 23.92 -20.58
N GLU C 283 9.60 24.18 -21.23
CA GLU C 283 10.86 23.89 -20.63
C GLU C 283 11.97 24.80 -21.04
N LEU C 284 12.91 25.01 -20.14
CA LEU C 284 14.17 25.62 -20.44
C LEU C 284 15.20 24.69 -19.91
N ILE C 285 16.25 24.46 -20.66
CA ILE C 285 17.29 23.56 -20.23
C ILE C 285 18.61 24.26 -20.11
N LEU C 286 19.29 24.01 -19.00
CA LEU C 286 20.49 24.72 -18.60
C LEU C 286 21.64 23.78 -18.45
N ARG C 287 22.79 24.07 -19.06
CA ARG C 287 23.96 23.25 -18.88
C ARG C 287 24.90 23.84 -17.88
N ARG C 288 25.38 23.03 -16.98
CA ARG C 288 26.30 23.45 -15.97
C ARG C 288 27.28 22.36 -15.76
N GLU C 289 28.41 22.69 -15.17
CA GLU C 289 29.45 21.74 -14.91
C GLU C 289 29.77 21.72 -13.45
N ASP C 290 30.04 20.55 -12.91
CA ASP C 290 30.29 20.44 -11.50
C ASP C 290 31.46 19.54 -11.24
N ASN C 291 32.19 19.77 -10.17
CA ASN C 291 33.38 19.00 -10.04
C ASN C 291 33.18 17.52 -9.88
N ARG C 292 32.38 17.11 -8.92
CA ARG C 292 31.99 15.71 -8.87
C ARG C 292 31.03 15.22 -9.94
N ALA C 293 29.94 15.95 -10.13
CA ALA C 293 28.90 15.58 -11.09
C ALA C 293 29.31 15.61 -12.52
N GLY C 294 30.16 16.53 -12.90
CA GLY C 294 30.45 16.68 -14.30
C GLY C 294 29.38 17.47 -14.99
N VAL C 295 29.28 17.33 -16.30
CA VAL C 295 28.24 18.02 -17.03
C VAL C 295 26.88 17.51 -16.67
N VAL C 296 25.95 18.43 -16.52
CA VAL C 296 24.64 18.10 -16.08
C VAL C 296 23.67 19.03 -16.77
N HIS C 297 22.45 18.59 -17.03
CA HIS C 297 21.44 19.45 -17.62
C HIS C 297 20.33 19.63 -16.63
N VAL C 298 19.96 20.87 -16.35
CA VAL C 298 18.96 21.13 -15.36
C VAL C 298 17.71 21.65 -16.02
N HIS C 299 16.58 21.09 -15.68
CA HIS C 299 15.37 21.44 -16.37
C HIS C 299 14.43 22.25 -15.51
N PHE C 300 13.96 23.36 -16.05
CA PHE C 300 13.01 24.22 -15.40
C PHE C 300 11.83 24.48 -16.31
N PRO C 301 10.65 24.61 -15.74
CA PRO C 301 9.47 25.07 -16.44
C PRO C 301 9.53 26.54 -16.70
N ARG C 302 8.79 27.04 -17.65
CA ARG C 302 8.71 28.47 -17.77
C ARG C 302 8.02 29.17 -16.61
N LEU C 303 6.90 28.66 -16.17
CA LEU C 303 6.19 29.23 -15.05
C LEU C 303 6.92 29.13 -13.72
N GLY C 304 6.99 30.24 -13.02
CA GLY C 304 7.61 30.30 -11.73
C GLY C 304 9.10 30.49 -11.74
N PHE C 305 9.70 30.61 -12.91
CA PHE C 305 11.12 30.84 -13.00
C PHE C 305 11.47 31.99 -13.91
N ARG C 306 12.43 32.77 -13.48
CA ARG C 306 12.89 33.96 -14.15
C ARG C 306 14.19 33.65 -14.84
N VAL C 307 14.37 34.10 -16.06
CA VAL C 307 15.61 33.86 -16.77
C VAL C 307 16.36 35.15 -17.00
N GLU C 308 17.62 35.21 -16.60
CA GLU C 308 18.41 36.41 -16.68
C GLU C 308 19.63 36.25 -17.56
N LYS C 309 19.94 37.28 -18.33
CA LYS C 309 21.08 37.25 -19.24
C LYS C 309 22.40 37.06 -18.54
N ARG C 310 22.49 37.47 -17.30
CA ARG C 310 23.70 37.21 -16.53
C ARG C 310 24.60 36.24 -17.25
N GLU D 3 -14.40 5.56 37.30
CA GLU D 3 -13.53 4.90 36.34
C GLU D 3 -13.00 5.89 35.30
N LEU D 4 -11.76 5.73 34.88
CA LEU D 4 -11.17 6.69 33.97
C LEU D 4 -11.02 6.24 32.53
N ILE D 5 -11.66 6.93 31.60
CA ILE D 5 -11.51 6.58 30.20
C ILE D 5 -10.92 7.68 29.34
N LEU D 6 -9.95 7.28 28.53
CA LEU D 6 -9.34 8.14 27.54
C LEU D 6 -9.86 7.80 26.18
N HIS D 7 -10.27 8.79 25.43
CA HIS D 7 -10.57 8.61 24.05
C HIS D 7 -9.39 9.17 23.29
N HIS D 8 -8.78 8.36 22.43
CA HIS D 8 -7.60 8.78 21.72
C HIS D 8 -7.35 7.99 20.45
N TYR D 9 -6.26 8.29 19.78
CA TYR D 9 -5.75 7.50 18.68
C TYR D 9 -4.52 6.86 19.19
N PRO D 10 -4.52 5.56 19.36
CA PRO D 10 -3.37 4.88 19.91
C PRO D 10 -2.16 4.98 19.03
N THR D 11 -2.37 5.01 17.74
CA THR D 11 -1.32 5.25 16.78
C THR D 11 -0.74 6.66 16.73
N SER D 12 -1.53 7.65 17.11
CA SER D 12 -1.12 9.03 16.99
C SER D 12 0.05 9.40 17.88
N LEU D 13 1.04 10.04 17.29
CA LEU D 13 2.17 10.58 18.02
C LEU D 13 1.72 11.68 18.95
N PHE D 14 0.68 12.36 18.55
CA PHE D 14 0.15 13.45 19.29
C PHE D 14 -0.46 13.09 20.65
N ALA D 15 -0.88 11.85 20.78
CA ALA D 15 -1.57 11.41 21.98
C ALA D 15 -0.63 10.87 23.00
N GLU D 16 0.65 10.90 22.73
CA GLU D 16 1.61 10.34 23.64
C GLU D 16 1.64 11.04 24.97
N LYS D 17 1.44 12.35 24.97
CA LYS D 17 1.50 13.11 26.18
C LYS D 17 0.42 12.78 27.17
N ALA D 18 -0.79 12.65 26.69
CA ALA D 18 -1.87 12.27 27.53
C ALA D 18 -1.57 10.90 28.04
N ARG D 19 -0.97 10.08 27.21
CA ARG D 19 -0.65 8.74 27.62
C ARG D 19 0.35 8.71 28.74
N LEU D 20 1.42 9.47 28.60
CA LEU D 20 2.42 9.55 29.62
C LEU D 20 1.87 10.11 30.91
N LEU D 22 -1.03 9.57 32.47
CA LEU D 22 -1.65 8.52 33.25
C LEU D 22 -0.64 7.62 33.91
N GLY D 23 0.40 7.26 33.19
CA GLY D 23 1.39 6.39 33.74
C GLY D 23 2.03 7.03 34.93
N PHE D 24 2.30 8.31 34.82
CA PHE D 24 3.00 9.05 35.85
C PHE D 24 2.20 9.10 37.13
N LYS D 25 0.90 9.30 37.01
CA LYS D 25 -0.02 9.10 38.09
C LYS D 25 -0.30 7.62 38.40
N GLY D 26 0.08 6.75 37.49
CA GLY D 26 0.06 5.33 37.73
C GLY D 26 -1.32 4.72 37.74
N VAL D 27 -2.31 5.45 37.29
CA VAL D 27 -3.68 5.01 37.37
C VAL D 27 -4.06 3.94 36.35
N ASN D 28 -5.25 3.41 36.50
CA ASN D 28 -5.77 2.42 35.60
C ASN D 28 -6.85 3.08 34.84
N TRP D 29 -6.80 2.97 33.54
CA TRP D 29 -7.72 3.69 32.71
C TRP D 29 -8.24 2.83 31.62
N ARG D 30 -9.34 3.25 31.04
CA ARG D 30 -9.94 2.51 29.97
C ARG D 30 -9.88 3.31 28.69
N SER D 31 -9.45 2.65 27.63
CA SER D 31 -9.05 3.27 26.41
C SER D 31 -10.07 3.07 25.34
N VAL D 32 -10.63 4.14 24.81
CA VAL D 32 -11.53 4.05 23.69
C VAL D 32 -10.80 4.56 22.47
N THR D 33 -10.60 3.67 21.51
CA THR D 33 -9.97 4.03 20.28
C THR D 33 -10.90 4.87 19.47
N ILE D 34 -10.37 5.89 18.86
CA ILE D 34 -11.14 6.80 18.05
C ILE D 34 -10.99 6.31 16.64
N PRO D 35 -12.09 6.22 15.93
CA PRO D 35 -12.11 5.63 14.60
C PRO D 35 -11.34 6.37 13.57
N SER D 36 -10.61 5.63 12.76
CA SER D 36 -9.87 6.15 11.63
C SER D 36 -10.73 6.76 10.53
N ILE D 37 -11.91 6.23 10.31
CA ILE D 37 -12.74 6.70 9.22
C ILE D 37 -13.19 8.05 9.63
N PRO D 39 -16.23 9.80 10.07
CA PRO D 39 -17.27 10.18 11.02
C PRO D 39 -16.95 9.66 12.40
N LYS D 40 -17.07 10.50 13.41
CA LYS D 40 -16.75 10.09 14.76
C LYS D 40 -17.83 10.46 15.75
N PRO D 41 -19.04 9.99 15.48
CA PRO D 41 -20.21 10.29 16.29
C PRO D 41 -20.11 9.68 17.67
N ASP D 42 -19.35 8.62 17.80
CA ASP D 42 -19.25 7.92 19.06
C ASP D 42 -18.68 8.88 20.09
N LEU D 43 -17.65 9.62 19.69
CA LEU D 43 -17.07 10.71 20.46
C LEU D 43 -17.87 11.97 20.65
N THR D 44 -18.46 12.44 19.56
CA THR D 44 -19.17 13.71 19.51
C THR D 44 -20.47 13.78 20.28
N ALA D 45 -21.01 12.62 20.57
CA ALA D 45 -22.19 12.51 21.39
C ALA D 45 -21.92 12.92 22.80
N LEU D 46 -20.80 12.50 23.38
CA LEU D 46 -20.39 13.04 24.64
C LEU D 46 -20.00 14.48 24.53
N THR D 47 -19.10 14.72 23.61
CA THR D 47 -18.45 15.98 23.41
C THR D 47 -19.36 17.08 22.96
N GLY D 48 -20.31 16.77 22.11
CA GLY D 48 -21.21 17.78 21.64
C GLY D 48 -20.62 18.62 20.53
N GLY D 49 -19.51 18.16 20.00
CA GLY D 49 -18.87 18.90 18.94
C GLY D 49 -17.39 19.16 19.02
N TYR D 50 -16.72 18.82 20.10
CA TYR D 50 -15.32 19.14 20.21
C TYR D 50 -14.49 18.02 19.69
N ARG D 51 -13.81 18.32 18.60
CA ARG D 51 -12.96 17.39 17.87
C ARG D 51 -11.68 16.87 18.52
N LYS D 52 -10.90 17.77 19.07
CA LYS D 52 -9.54 17.47 19.49
C LYS D 52 -9.40 16.43 20.59
N THR D 53 -8.41 15.58 20.47
CA THR D 53 -8.23 14.44 21.33
C THR D 53 -6.83 14.55 21.77
N PRO D 54 -6.48 13.92 22.88
CA PRO D 54 -7.37 13.09 23.66
C PRO D 54 -8.39 13.80 24.51
N VAL D 55 -9.43 13.07 24.86
CA VAL D 55 -10.53 13.56 25.62
C VAL D 55 -10.72 12.66 26.80
N LEU D 56 -11.03 13.20 27.96
CA LEU D 56 -11.12 12.37 29.15
C LEU D 56 -12.55 12.27 29.62
N GLN D 57 -12.97 11.06 29.93
CA GLN D 57 -14.33 10.87 30.40
C GLN D 57 -14.33 10.23 31.74
N ILE D 58 -15.07 10.83 32.65
CA ILE D 58 -15.46 10.17 33.86
C ILE D 58 -16.97 10.21 33.97
N GLY D 59 -17.59 9.05 33.93
CA GLY D 59 -19.00 9.05 34.17
C GLY D 59 -19.68 9.92 33.17
N ALA D 60 -20.37 10.93 33.64
CA ALA D 60 -21.07 11.81 32.74
C ALA D 60 -20.35 13.13 32.52
N ASP D 61 -19.11 13.22 32.97
CA ASP D 61 -18.32 14.44 32.81
C ASP D 61 -17.22 14.26 31.80
N ILE D 62 -17.21 15.10 30.79
CA ILE D 62 -16.23 15.04 29.75
C ILE D 62 -15.24 16.17 29.87
N TYR D 63 -13.96 15.85 29.86
CA TYR D 63 -12.96 16.88 30.00
C TYR D 63 -12.16 17.12 28.75
N CYS D 64 -12.28 18.32 28.20
CA CYS D 64 -11.62 18.70 26.96
C CYS D 64 -10.35 19.50 27.18
N ASP D 65 -9.26 19.04 26.60
CA ASP D 65 -7.98 19.70 26.64
C ASP D 65 -7.14 19.08 27.70
N THR D 66 -5.96 18.66 27.31
CA THR D 66 -5.04 17.99 28.19
C THR D 66 -4.58 18.85 29.32
N ALA D 67 -4.55 20.14 29.14
CA ALA D 67 -4.12 20.97 30.22
C ALA D 67 -5.11 20.80 31.35
N LEU D 68 -6.38 20.89 31.02
CA LEU D 68 -7.45 20.69 31.96
C LEU D 68 -7.39 19.29 32.48
N ALA D 70 -4.99 17.49 33.02
CA ALA D 70 -4.00 17.35 34.04
C ALA D 70 -4.54 17.79 35.38
N ARG D 71 -5.29 18.87 35.39
CA ARG D 71 -5.92 19.36 36.58
C ARG D 71 -7.01 18.46 37.20
N ARG D 72 -7.84 17.87 36.37
CA ARG D 72 -8.78 16.87 36.85
C ARG D 72 -8.07 15.66 37.39
N LEU D 73 -6.97 15.31 36.77
CA LEU D 73 -6.17 14.21 37.24
C LEU D 73 -5.64 14.54 38.59
N GLU D 74 -5.27 15.80 38.75
CA GLU D 74 -4.63 16.25 39.96
C GLU D 74 -5.62 16.04 41.06
N GLN D 75 -6.86 16.37 40.78
CA GLN D 75 -7.96 16.17 41.68
C GLN D 75 -8.18 14.71 41.98
N GLU D 76 -8.13 13.86 40.97
CA GLU D 76 -8.39 12.47 41.20
C GLU D 76 -7.37 11.76 42.04
N LYS D 77 -6.11 11.80 41.67
CA LYS D 77 -5.06 11.34 42.55
C LYS D 77 -4.00 12.42 42.70
N ALA D 78 -3.89 12.97 43.89
CA ALA D 78 -2.99 14.09 44.17
C ALA D 78 -1.50 13.88 44.00
N SER D 79 -1.00 12.68 44.25
CA SER D 79 0.45 12.49 44.21
C SER D 79 0.78 11.37 43.28
N PRO D 80 1.91 11.44 42.59
CA PRO D 80 2.76 12.62 42.55
C PRO D 80 2.09 13.79 41.85
N ALA D 81 2.37 15.01 42.30
CA ALA D 81 1.75 16.20 41.73
C ALA D 81 2.32 16.65 40.40
N PHE D 82 1.44 17.04 39.50
CA PHE D 82 1.82 17.70 38.28
C PHE D 82 2.42 19.07 38.55
N TYR D 83 1.84 19.78 39.50
CA TYR D 83 2.34 21.07 39.90
C TYR D 83 2.87 21.06 41.32
N PRO D 84 4.18 21.01 41.44
CA PRO D 84 4.80 20.95 42.75
C PRO D 84 4.48 22.20 43.53
N GLN D 85 4.35 22.09 44.84
CA GLN D 85 3.93 23.24 45.62
C GLN D 85 4.99 24.29 45.68
N GLY D 86 4.55 25.51 45.40
CA GLY D 86 5.39 26.68 45.39
C GLY D 86 6.13 26.90 44.10
N GLN D 87 5.85 26.07 43.12
CA GLN D 87 6.32 26.26 41.77
C GLN D 87 5.21 26.25 40.76
N GLU D 88 3.99 26.45 41.20
CA GLU D 88 2.88 26.21 40.33
C GLU D 88 2.81 27.07 39.07
N PHE D 89 3.01 28.36 39.21
CA PHE D 89 2.93 29.26 38.09
C PHE D 89 4.00 29.03 37.06
N ALA D 90 5.20 28.85 37.53
CA ALA D 90 6.31 28.65 36.67
C ALA D 90 6.15 27.38 35.91
N VAL D 91 5.63 26.38 36.56
CA VAL D 91 5.40 25.11 35.90
C VAL D 91 4.35 25.18 34.82
N ALA D 92 3.27 25.86 35.09
CA ALA D 92 2.25 26.01 34.10
C ALA D 92 2.78 26.75 32.90
N GLY D 93 3.53 27.80 33.14
CA GLY D 93 4.03 28.62 32.07
C GLY D 93 4.99 27.94 31.15
N LEU D 94 5.93 27.23 31.72
CA LEU D 94 6.88 26.55 30.91
C LEU D 94 6.20 25.53 30.07
N ALA D 95 5.25 24.84 30.68
CA ALA D 95 4.49 23.83 29.99
C ALA D 95 3.68 24.40 28.86
N ALA D 96 3.05 25.53 29.08
CA ALA D 96 2.32 26.21 28.05
C ALA D 96 3.23 26.68 26.94
N TRP D 97 4.43 27.13 27.30
CA TRP D 97 5.40 27.56 26.35
C TRP D 97 5.88 26.42 25.47
N ALA D 98 6.16 25.29 26.09
CA ALA D 98 6.57 24.09 25.38
C ALA D 98 5.53 23.51 24.45
N ASP D 99 4.31 23.45 24.93
CA ASP D 99 3.21 22.96 24.16
C ASP D 99 2.86 23.85 23.00
N SER D 100 3.25 25.10 23.08
CA SER D 100 2.99 25.98 22.00
C SER D 100 4.24 26.17 21.19
N VAL D 101 5.19 26.92 21.70
CA VAL D 101 6.37 27.18 20.91
C VAL D 101 7.26 25.98 20.57
N LEU D 102 7.62 25.20 21.56
CA LEU D 102 8.54 24.11 21.34
C LEU D 102 7.96 23.05 20.44
N PHE D 103 6.72 22.74 20.66
CA PHE D 103 6.03 21.77 19.90
C PHE D 103 5.88 22.11 18.43
N LEU D 104 5.50 23.34 18.16
CA LEU D 104 5.30 23.82 16.83
C LEU D 104 6.59 23.74 16.04
N HIS D 105 7.69 24.04 16.67
CA HIS D 105 8.96 23.90 16.06
C HIS D 105 9.23 22.47 15.69
N ALA D 106 8.93 21.55 16.58
CA ALA D 106 9.13 20.15 16.34
C ALA D 106 8.32 19.53 15.22
N VAL D 107 7.05 19.82 15.13
CA VAL D 107 6.27 19.32 14.01
C VAL D 107 6.70 19.90 12.68
N SER D 108 7.10 21.15 12.70
CA SER D 108 7.64 21.80 11.56
C SER D 108 8.94 21.17 11.12
N LEU D 109 9.79 20.82 12.05
CA LEU D 109 11.04 20.20 11.71
C LEU D 109 10.80 18.89 11.01
N VAL D 110 9.86 18.13 11.50
CA VAL D 110 9.43 16.95 10.83
C VAL D 110 8.66 17.10 9.51
N PHE D 111 7.55 17.81 9.55
CA PHE D 111 6.68 18.03 8.41
C PHE D 111 7.16 18.96 7.34
N GLN D 112 8.01 19.89 7.71
CA GLN D 112 8.52 20.85 6.79
C GLN D 112 10.04 21.01 6.91
N PRO D 113 10.79 19.97 6.61
CA PRO D 113 12.24 19.97 6.77
C PRO D 113 12.97 20.87 5.80
N GLU D 114 12.28 21.35 4.79
CA GLU D 114 12.86 22.22 3.81
C GLU D 114 12.94 23.66 4.28
N SER D 115 12.44 23.90 5.48
CA SER D 115 12.41 25.24 6.04
C SER D 115 13.76 25.80 6.50
N GLU D 150 9.43 33.35 10.85
CA GLU D 150 10.43 32.83 11.78
C GLU D 150 11.10 31.57 11.24
N GLN D 151 12.40 31.51 11.35
CA GLN D 151 13.09 30.37 10.81
C GLN D 151 13.27 29.34 11.88
N VAL D 152 12.57 28.24 11.73
CA VAL D 152 12.57 27.20 12.72
C VAL D 152 13.89 26.52 12.98
N LYS D 153 14.61 26.13 11.94
CA LYS D 153 15.88 25.45 12.07
C LYS D 153 16.89 26.33 12.74
N HIS D 154 16.83 27.59 12.39
CA HIS D 154 17.67 28.64 12.90
C HIS D 154 17.48 28.85 14.39
N GLN D 155 16.23 28.83 14.82
CA GLN D 155 15.86 28.94 16.21
C GLN D 155 16.20 27.77 17.13
N TRP D 156 16.09 26.56 16.60
CA TRP D 156 16.01 25.34 17.39
C TRP D 156 17.20 25.11 18.28
N PRO D 157 18.38 25.37 17.79
CA PRO D 157 19.60 25.12 18.52
C PRO D 157 19.68 25.94 19.77
N THR D 158 19.07 27.09 19.76
CA THR D 158 19.03 27.93 20.94
C THR D 158 18.27 27.26 22.05
N PHE D 159 17.15 26.67 21.75
CA PHE D 159 16.39 26.03 22.78
C PHE D 159 17.16 24.89 23.36
N SER D 161 20.48 24.13 23.33
CA SER D 161 21.67 24.46 24.07
C SER D 161 21.37 24.90 25.47
N ARG D 162 20.28 25.62 25.62
CA ARG D 162 19.75 26.00 26.90
C ARG D 162 19.26 24.83 27.73
N LEU D 163 18.57 23.88 27.13
CA LEU D 163 18.18 22.73 27.88
C LEU D 163 19.38 21.96 28.36
N GLU D 164 20.32 21.79 27.48
CA GLU D 164 21.47 21.03 27.80
C GLU D 164 22.20 21.65 28.95
N SER D 165 22.34 22.96 28.96
CA SER D 165 23.05 23.59 30.04
C SER D 165 22.36 23.41 31.36
N GLN D 166 21.06 23.55 31.41
CA GLN D 166 20.39 23.34 32.65
C GLN D 166 20.55 21.91 33.12
N LEU D 167 20.43 20.98 32.21
CA LEU D 167 20.55 19.58 32.50
C LEU D 167 21.96 19.17 32.91
N SER D 168 22.92 19.97 32.50
CA SER D 168 24.28 19.65 32.69
C SER D 168 24.58 19.66 34.16
N HIS D 169 23.63 20.12 34.94
CA HIS D 169 23.83 20.28 36.37
C HIS D 169 23.34 19.10 37.18
N GLY D 170 22.99 18.03 36.48
CA GLY D 170 22.57 16.83 37.13
C GLY D 170 21.18 16.84 37.66
N GLY D 171 20.37 17.78 37.20
CA GLY D 171 19.00 17.86 37.64
C GLY D 171 18.20 16.67 37.22
N ASP D 172 17.34 16.19 38.10
CA ASP D 172 16.44 15.11 37.73
C ASP D 172 15.42 15.53 36.71
N PHE D 173 14.81 16.65 37.01
CA PHE D 173 13.67 17.13 36.30
C PHE D 173 13.81 18.62 36.16
N LEU D 174 12.99 19.24 35.34
CA LEU D 174 13.21 20.61 35.00
C LEU D 174 13.12 21.52 36.20
N PHE D 175 12.21 21.18 37.09
CA PHE D 175 12.01 21.91 38.31
C PHE D 175 12.50 21.13 39.51
N GLY D 176 13.40 20.19 39.27
CA GLY D 176 13.89 19.26 40.25
C GLY D 176 12.90 18.17 40.60
N ALA D 177 11.77 18.52 41.16
CA ALA D 177 10.70 17.56 41.23
C ALA D 177 10.19 17.43 39.82
N PRO D 178 9.55 16.34 39.47
CA PRO D 178 8.98 16.17 38.16
C PRO D 178 7.74 17.02 38.02
N SER D 179 7.47 17.50 36.84
CA SER D 179 6.45 18.50 36.65
C SER D 179 5.63 18.11 35.47
N ILE D 180 4.49 18.76 35.30
CA ILE D 180 3.73 18.60 34.08
C ILE D 180 4.55 19.18 32.96
N ALA D 181 5.46 20.06 33.33
CA ALA D 181 6.36 20.68 32.40
C ALA D 181 7.29 19.72 31.72
N ASP D 182 7.79 18.73 32.44
CA ASP D 182 8.73 17.77 31.88
C ASP D 182 8.05 17.03 30.74
N PHE D 183 6.78 16.71 30.91
CA PHE D 183 6.03 16.05 29.88
C PHE D 183 5.82 16.86 28.64
N SER D 184 5.52 18.12 28.81
CA SER D 184 5.31 18.94 27.66
C SER D 184 6.55 19.03 26.83
N VAL D 185 7.68 19.23 27.46
CA VAL D 185 8.92 19.29 26.73
C VAL D 185 9.30 17.97 26.12
N ALA D 186 9.12 16.92 26.90
CA ALA D 186 9.50 15.57 26.52
C ALA D 186 8.73 15.07 25.34
N HIS D 187 7.48 15.46 25.27
CA HIS D 187 6.63 15.01 24.22
C HIS D 187 7.15 15.48 22.90
N THR D 188 7.56 16.72 22.79
CA THR D 188 8.09 17.22 21.53
C THR D 188 9.36 16.56 21.08
N LEU D 189 10.24 16.27 22.01
CA LEU D 189 11.50 15.62 21.74
C LEU D 189 11.34 14.19 21.27
N TRP D 190 10.37 13.52 21.84
CA TRP D 190 10.02 12.17 21.50
C TRP D 190 9.48 12.08 20.08
N PHE D 191 8.72 13.08 19.70
CA PHE D 191 8.16 13.19 18.36
C PHE D 191 9.27 13.27 17.35
N LEU D 192 10.31 14.01 17.67
CA LEU D 192 11.45 14.09 16.81
C LEU D 192 12.17 12.76 16.67
N LYS D 193 12.26 12.02 17.76
CA LYS D 193 13.01 10.78 17.80
C LYS D 193 12.28 9.64 17.08
N GLN D 194 11.02 9.84 16.76
CA GLN D 194 10.21 8.84 16.08
C GLN D 194 10.58 8.66 14.63
N THR D 195 11.35 9.58 14.09
CA THR D 195 11.86 9.46 12.74
C THR D 195 13.36 9.62 12.82
N PRO D 196 14.10 8.72 12.20
CA PRO D 196 15.55 8.76 12.27
C PRO D 196 16.19 10.00 11.68
N VAL D 197 15.60 10.58 10.65
CA VAL D 197 16.13 11.82 10.14
C VAL D 197 16.04 12.95 11.12
N THR D 198 15.00 12.99 11.91
CA THR D 198 14.87 14.10 12.83
C THR D 198 15.49 13.84 14.18
N ALA D 199 16.03 12.65 14.36
CA ALA D 199 16.51 12.21 15.64
C ALA D 199 17.66 13.04 16.19
N PRO D 200 18.53 13.42 15.30
CA PRO D 200 19.74 14.13 15.64
C PRO D 200 19.41 15.46 16.27
N PHE D 201 18.23 15.99 16.01
CA PHE D 201 17.90 17.24 16.60
C PHE D 201 17.85 17.09 18.09
N VAL D 202 17.22 16.02 18.54
CA VAL D 202 17.36 15.55 19.91
C VAL D 202 18.68 14.90 20.34
N ASP D 203 19.16 13.95 19.56
CA ASP D 203 20.30 13.08 19.90
C ASP D 203 21.61 13.81 20.08
N ASP D 204 21.75 14.92 19.39
CA ASP D 204 22.97 15.66 19.43
C ASP D 204 23.19 16.36 20.75
N TYR D 205 22.20 16.38 21.62
CA TYR D 205 22.42 16.94 22.93
C TYR D 205 22.37 15.83 23.97
N PRO D 206 23.55 15.45 24.45
CA PRO D 206 23.73 14.29 25.32
C PRO D 206 23.05 14.34 26.67
N SER D 207 23.17 15.45 27.38
CA SER D 207 22.59 15.50 28.69
C SER D 207 21.11 15.37 28.55
N VAL D 208 20.62 15.79 27.40
CA VAL D 208 19.21 15.77 27.13
C VAL D 208 18.66 14.38 27.04
N SER D 209 19.43 13.48 26.48
CA SER D 209 18.97 12.12 26.27
C SER D 209 18.69 11.37 27.54
N VAL D 210 19.52 11.57 28.52
CA VAL D 210 19.32 10.92 29.77
C VAL D 210 18.02 11.35 30.38
N TRP D 211 17.79 12.66 30.36
CA TRP D 211 16.62 13.24 30.99
C TRP D 211 15.37 12.75 30.32
N LEU D 212 15.44 12.62 29.02
CA LEU D 212 14.30 12.22 28.27
C LEU D 212 13.85 10.82 28.64
N ASP D 213 14.81 9.93 28.84
CA ASP D 213 14.53 8.56 29.18
C ASP D 213 13.84 8.46 30.52
N ARG D 214 14.27 9.29 31.45
CA ARG D 214 13.69 9.24 32.74
C ARG D 214 12.24 9.59 32.64
N VAL D 215 11.91 10.57 31.81
CA VAL D 215 10.52 10.96 31.65
C VAL D 215 9.68 9.90 31.00
N LEU D 216 10.21 9.27 29.97
CA LEU D 216 9.46 8.28 29.23
C LEU D 216 9.28 7.02 30.05
N GLY D 217 10.03 6.92 31.12
CA GLY D 217 10.00 5.78 32.00
C GLY D 217 8.65 5.61 32.63
N PHE D 218 7.92 6.68 32.78
CA PHE D 218 6.68 6.59 33.47
C PHE D 218 5.71 5.72 32.73
N GLY D 219 5.91 5.51 31.45
CA GLY D 219 5.10 4.58 30.69
C GLY D 219 3.69 5.08 30.59
N HIS D 220 2.76 4.21 30.22
CA HIS D 220 1.37 4.61 30.07
C HIS D 220 0.43 4.10 31.15
N GLY D 221 0.99 3.64 32.25
CA GLY D 221 0.20 3.00 33.29
C GLY D 221 -0.47 1.69 32.85
N SER D 222 -1.70 1.45 33.28
CA SER D 222 -2.40 0.24 32.89
C SER D 222 -3.80 0.48 32.34
N LEU D 223 -4.07 -0.02 31.15
CA LEU D 223 -5.32 0.24 30.48
C LEU D 223 -6.02 -1.00 30.00
N SER D 224 -7.33 -0.85 29.78
CA SER D 224 -8.20 -1.88 29.32
C SER D 224 -9.05 -1.30 28.23
N ASP D 225 -9.34 -2.06 27.20
CA ASP D 225 -10.03 -1.57 26.02
C ASP D 225 -11.44 -1.25 26.39
N LEU D 226 -12.10 -0.36 25.65
CA LEU D 226 -13.51 -0.09 25.88
C LEU D 226 -14.28 0.37 24.65
N SER D 227 -15.49 -0.09 24.48
CA SER D 227 -16.21 0.25 23.27
C SER D 227 -16.63 1.67 23.20
N SER D 228 -16.66 2.19 21.99
CA SER D 228 -17.12 3.53 21.83
C SER D 228 -18.50 3.42 22.37
N ALA D 229 -19.11 2.27 22.12
CA ALA D 229 -20.49 2.02 22.52
C ALA D 229 -20.70 2.02 24.00
N ALA D 230 -19.80 1.39 24.72
CA ALA D 230 -19.92 1.25 26.15
C ALA D 230 -19.90 2.61 26.82
N ALA D 231 -19.04 3.45 26.32
CA ALA D 231 -18.74 4.70 26.94
C ALA D 231 -20.00 5.49 26.93
N ILE D 232 -20.75 5.38 25.88
CA ILE D 232 -21.96 6.14 25.82
C ILE D 232 -22.94 5.76 26.88
N GLU D 233 -23.00 4.48 27.17
CA GLU D 233 -23.98 3.98 28.10
C GLU D 233 -23.70 4.60 29.44
N ILE D 234 -22.43 4.71 29.75
CA ILE D 234 -22.01 5.34 30.97
C ILE D 234 -22.41 6.79 31.03
N ALA D 235 -22.39 7.47 29.90
CA ALA D 235 -22.83 8.83 29.90
C ALA D 235 -24.31 8.99 30.18
N SER D 236 -25.15 8.30 29.43
CA SER D 236 -26.58 8.29 29.71
C SER D 236 -26.91 7.69 31.07
N ASN D 237 -26.20 6.64 31.45
CA ASN D 237 -26.41 6.00 32.74
C ASN D 237 -26.05 6.82 33.96
N ALA D 238 -24.91 7.48 33.92
CA ALA D 238 -24.38 8.25 35.04
C ALA D 238 -24.91 9.66 35.21
N THR D 239 -24.63 10.23 36.35
CA THR D 239 -24.94 11.63 36.59
C THR D 239 -23.69 12.43 36.87
N PRO D 240 -23.71 13.66 36.45
CA PRO D 240 -22.56 14.53 36.53
C PRO D 240 -22.21 14.77 37.97
N ALA D 241 -20.93 14.97 38.23
CA ALA D 241 -20.46 15.19 39.57
C ALA D 241 -21.02 16.51 40.01
N PRO D 242 -20.92 16.81 41.28
CA PRO D 242 -21.40 18.09 41.78
C PRO D 242 -20.50 19.20 41.27
N LEU D 243 -21.07 20.36 41.02
CA LEU D 243 -20.30 21.48 40.61
C LEU D 243 -19.37 21.83 41.74
N PRO D 244 -18.18 22.29 41.40
CA PRO D 244 -17.22 22.76 42.39
C PRO D 244 -17.75 24.06 42.91
N ASP D 245 -17.41 24.45 44.11
CA ASP D 245 -17.97 25.70 44.55
C ASP D 245 -16.92 26.73 44.94
N GLU D 246 -16.81 27.73 44.08
CA GLU D 246 -15.94 28.86 44.26
C GLU D 246 -16.74 30.01 43.71
N THR D 247 -16.45 31.22 44.12
CA THR D 247 -17.20 32.34 43.58
C THR D 247 -16.34 33.07 42.62
N PHE D 248 -16.88 33.34 41.45
CA PHE D 248 -16.11 33.98 40.45
C PHE D 248 -16.89 35.10 39.87
N ILE D 249 -16.27 36.25 39.72
CA ILE D 249 -16.92 37.28 38.96
C ILE D 249 -16.46 37.16 37.53
N ASP D 250 -17.27 36.53 36.70
CA ASP D 250 -16.86 36.28 35.37
C ASP D 250 -16.64 37.61 34.73
N PRO D 251 -15.52 37.74 34.05
CA PRO D 251 -15.05 39.01 33.54
C PRO D 251 -15.99 39.54 32.50
N ASN D 252 -16.76 38.66 31.91
CA ASN D 252 -17.67 39.05 30.87
C ASN D 252 -19.13 38.97 31.30
N GLY D 253 -19.37 38.96 32.60
CA GLY D 253 -20.72 38.80 33.09
C GLY D 253 -21.43 37.54 32.66
N PHE D 254 -20.82 36.40 32.91
CA PHE D 254 -21.35 35.14 32.47
C PHE D 254 -21.69 34.39 33.71
N LYS D 255 -22.92 33.94 33.79
CA LYS D 255 -23.36 33.29 34.99
C LYS D 255 -24.17 32.10 34.65
N ALA D 256 -24.26 31.20 35.61
CA ALA D 256 -24.88 29.93 35.43
C ALA D 256 -26.32 30.13 35.01
N GLY D 257 -26.78 29.27 34.13
CA GLY D 257 -28.13 29.35 33.60
C GLY D 257 -28.29 30.18 32.35
N ASP D 258 -27.23 30.82 31.91
CA ASP D 258 -27.22 31.43 30.61
C ASP D 258 -27.03 30.35 29.57
N LYS D 259 -27.49 30.62 28.36
CA LYS D 259 -27.31 29.68 27.28
C LYS D 259 -26.15 30.16 26.45
N VAL D 260 -25.15 29.31 26.37
CA VAL D 260 -23.91 29.67 25.78
C VAL D 260 -23.42 28.61 24.83
N ALA D 261 -22.58 29.05 23.92
CA ALA D 261 -21.87 28.19 23.02
C ALA D 261 -20.43 28.30 23.41
N ILE D 262 -19.76 27.18 23.61
CA ILE D 262 -18.33 27.24 23.85
C ILE D 262 -17.54 26.67 22.68
N ALA D 263 -16.67 27.49 22.10
CA ALA D 263 -15.86 27.10 20.95
C ALA D 263 -14.37 27.27 21.15
N ALA D 264 -13.59 26.34 20.62
CA ALA D 264 -12.15 26.43 20.67
C ALA D 264 -11.67 27.57 19.81
N VAL D 265 -10.82 28.41 20.36
CA VAL D 265 -10.33 29.54 19.63
C VAL D 265 -9.51 29.21 18.40
N ASP D 266 -8.53 28.34 18.54
CA ASP D 266 -7.73 28.00 17.37
C ASP D 266 -8.33 27.14 16.25
N TYR D 267 -8.96 26.02 16.55
CA TYR D 267 -9.50 25.26 15.45
C TYR D 267 -11.00 25.03 15.48
N GLY D 268 -11.72 25.90 16.16
CA GLY D 268 -13.13 25.69 16.28
C GLY D 268 -13.82 25.79 14.95
N VAL D 269 -14.88 25.03 14.76
CA VAL D 269 -15.70 25.17 13.59
C VAL D 269 -17.04 25.76 13.98
N ALA D 271 -18.60 24.84 17.58
CA ALA D 271 -19.04 25.32 18.86
C ALA D 271 -19.87 24.29 19.57
N VAL D 272 -19.99 24.39 20.87
CA VAL D 272 -20.83 23.47 21.59
C VAL D 272 -21.91 24.23 22.34
N GLU D 273 -23.15 24.07 21.93
CA GLU D 273 -24.27 24.71 22.59
C GLU D 273 -24.57 24.02 23.89
N GLY D 274 -25.15 24.75 24.82
CA GLY D 274 -25.44 24.18 26.10
C GLY D 274 -25.82 25.24 27.10
N GLU D 275 -25.91 24.85 28.35
CA GLU D 275 -26.18 25.80 29.40
C GLU D 275 -25.10 25.84 30.46
N LEU D 276 -24.65 27.04 30.79
CA LEU D 276 -23.48 27.19 31.62
C LEU D 276 -23.83 26.81 33.02
N PHE D 278 -21.37 26.41 35.15
CA PHE D 278 -20.38 27.02 36.01
C PHE D 278 -19.29 27.84 35.33
N THR D 279 -18.91 28.97 35.92
CA THR D 279 -17.78 29.77 35.47
C THR D 279 -16.82 30.04 36.60
N GLY D 280 -15.58 29.64 36.41
CA GLY D 280 -14.57 29.54 37.43
C GLY D 280 -13.18 29.96 36.96
N ARG D 281 -12.22 29.97 37.87
CA ARG D 281 -10.86 30.35 37.56
C ARG D 281 -10.19 29.44 36.58
N GLU D 282 -10.33 28.15 36.78
CA GLU D 282 -9.73 27.19 35.88
C GLU D 282 -10.65 26.51 34.89
N GLU D 283 -11.95 26.63 35.07
CA GLU D 283 -12.87 25.78 34.36
C GLU D 283 -14.13 26.51 33.97
N LEU D 284 -14.79 26.04 32.93
CA LEU D 284 -16.16 26.39 32.63
C LEU D 284 -16.90 25.11 32.33
N ILE D 285 -18.16 25.04 32.72
CA ILE D 285 -18.91 23.80 32.58
C ILE D 285 -20.21 23.94 31.86
N LEU D 286 -20.46 23.04 30.94
CA LEU D 286 -21.61 23.09 30.08
C LEU D 286 -22.39 21.82 30.31
N ARG D 287 -23.71 21.95 30.34
CA ARG D 287 -24.60 20.82 30.38
C ARG D 287 -25.28 20.79 29.06
N ARG D 288 -25.39 19.61 28.47
CA ARG D 288 -26.13 19.49 27.25
C ARG D 288 -26.90 18.19 27.23
N GLU D 289 -27.97 18.15 26.45
CA GLU D 289 -28.74 16.93 26.34
C GLU D 289 -28.53 16.21 25.03
N ASP D 290 -28.04 14.99 25.13
CA ASP D 290 -27.69 14.16 23.99
C ASP D 290 -28.54 12.92 23.92
N ASN D 291 -29.09 12.67 22.75
CA ASN D 291 -30.09 11.63 22.62
C ASN D 291 -29.60 10.25 22.96
N ARG D 292 -28.48 9.85 22.43
CA ARG D 292 -27.88 8.63 22.91
C ARG D 292 -27.35 8.70 24.30
N ALA D 293 -26.66 9.78 24.63
CA ALA D 293 -25.96 9.88 25.91
C ALA D 293 -26.69 10.66 26.98
N GLY D 294 -27.78 11.29 26.59
CA GLY D 294 -28.55 12.11 27.49
C GLY D 294 -27.86 13.35 28.02
N VAL D 295 -27.85 13.50 29.34
CA VAL D 295 -27.35 14.72 29.94
C VAL D 295 -25.96 14.56 30.49
N VAL D 296 -25.08 15.41 30.00
CA VAL D 296 -23.68 15.39 30.41
C VAL D 296 -23.15 16.78 30.66
N HIS D 297 -22.03 16.84 31.34
CA HIS D 297 -21.36 18.08 31.61
C HIS D 297 -20.03 18.13 30.91
N VAL D 298 -19.79 19.17 30.13
CA VAL D 298 -18.52 19.27 29.47
C VAL D 298 -17.68 20.34 30.13
N HIS D 299 -16.44 19.99 30.39
CA HIS D 299 -15.52 20.87 31.04
C HIS D 299 -14.48 21.42 30.11
N PHE D 300 -14.38 22.73 30.05
CA PHE D 300 -13.38 23.45 29.30
C PHE D 300 -12.58 24.37 30.17
N PRO D 301 -11.29 24.46 29.90
CA PRO D 301 -10.45 25.44 30.57
C PRO D 301 -10.78 26.80 30.04
N ARG D 302 -10.48 27.85 30.79
CA ARG D 302 -10.69 29.18 30.30
C ARG D 302 -9.81 29.51 29.10
N LEU D 303 -8.55 29.12 29.17
CA LEU D 303 -7.66 29.39 28.07
C LEU D 303 -7.99 28.61 26.81
N GLY D 304 -8.01 29.31 25.69
CA GLY D 304 -8.19 28.70 24.41
C GLY D 304 -9.59 28.43 23.98
N PHE D 305 -10.53 28.80 24.82
CA PHE D 305 -11.93 28.63 24.51
C PHE D 305 -12.69 29.93 24.62
N ARG D 306 -13.55 30.19 23.66
CA ARG D 306 -14.33 31.40 23.60
C ARG D 306 -15.77 31.12 23.96
N VAL D 307 -16.39 32.01 24.70
CA VAL D 307 -17.77 31.83 25.11
C VAL D 307 -18.70 32.84 24.50
N GLU D 308 -19.88 32.41 24.12
CA GLU D 308 -20.84 33.33 23.53
C GLU D 308 -22.23 33.13 24.07
N LYS D 309 -23.04 34.17 23.97
CA LYS D 309 -24.42 34.05 24.38
C LYS D 309 -25.28 33.85 23.16
#